data_7OIS
#
_entry.id   7OIS
#
_cell.length_a   141.900
_cell.length_b   64.960
_cell.length_c   116.140
_cell.angle_alpha   90.000
_cell.angle_beta   103.590
_cell.angle_gamma   90.000
#
_symmetry.space_group_name_H-M   'C 1 2 1'
#
loop_
_entity.id
_entity.type
_entity.pdbx_description
1 polymer 'Phosphatidylinositol 4,5-bisphosphate 3-kinase catalytic subunit delta isoform'
2 non-polymer 'SODIUM ION'
3 non-polymer N-[5-[2-[(1S)-1-cyclopropylethyl]-7-[(3-methylsulfonylphenyl)sulfamoyl]-1-oxidanylidene-3H-isoindol-5-yl]-4-methyl-1,3-thiazol-2-yl]ethanamide
4 water water
#
_entity_poly.entity_id   1
_entity_poly.type   'polypeptide(L)'
_entity_poly.pdbx_seq_one_letter_code
;MSYHNHNHNHNHNHNDYDIPTTENLYFQGAMDLMPPGVDCPMEFWTKEESQSVVVDFLLPTGVYLNFPVSRNANLSTIKQ
VLWHRAQYEPLFHMLSDPEAYVFTCVNQTAEQQELEDEQRRLCDIQPFLPVLRLVAREENLYFQGGDRVKKLINSQISLL
IGKGLHEFDSLRDPEVNDFRTKMRQFCEEAAAHRQQLGWVEWLQYSFPLQLEPSARGWRAGLLRVSNRALLVNVKFEGSE
ESFTFQVSTKDMPLALMACALRKKATVFRQPLVEQPEEYALQVNGRHEYLYGNYPLCHFQYICSCLHSGLTPHLTMVHSS
SILAMRDEQSNPAPQVQKPRAKPPPIPAKKPSSVSLWSLEQPFSIELIEGRKVNADERMKLVVQAGLFHGNEMLCKTVSS
SEVNVCSEPVWKQRLEFDISVCDLPRMARLCFALYAVVEKAKKARSTKKKSKKADCPIAWANLMLFDYKDQLKTGERCLY
MWPSVPDEKGELLNPAGTVRGNPNTESAAALVIYLPEVAPHPVYFPALEKILELGRHGERGRITEEEQLQLREILERRGS
GELYEHEKDLVWKMRHEVQEHFPEALARLLLVTKWNKHEDVAQMLYLLCSWPELPVLSALELLDFSFPDCYVGSFAIKSL
RKLTDDELFQYLLQLVQVLKYESYLDCELTKFLLGRALANRKIGHFLFWHLRSEMHVPSVALRFGLIMEAYCRGSTHHMK
VLMKQGEALSKLKALNDFVKVSSQKTTKPQTKEMMHMCMRQETYMEALSHLQSPLDPSTLLEEVCVEQCTFMDSKMKPLW
IMYSSEEAGSAGNVGIIFKNGDDLRQDMLTLQMIQLMDVLWKQEGLDLRMTPYGCLPTGDRTGLIEVVLHSDTIANIQLN
KSNMAATAAFNKDALLNWLKSKNPGEALDRAIEEFTLSCAGYCVATYVLGIGDRHSDNIMIRESGQLFHIDFGHFLGNFK
TKFGINRERVPFILTYDFVHVIQQGKTNNSEKFERFRGYCERAYTILRRHGLLFLHLFALMRAAGLPELSCSKDIQYLKD
SLALGKTEEEALKHFRVKFNEALRESWKTKVNWLAHNVSKDNRQ
;
_entity_poly.pdbx_strand_id   AAA
#
# COMPACT_ATOMS: atom_id res chain seq x y z
N VAL A 149 -21.75 10.53 -25.83
CA VAL A 149 -20.45 10.42 -25.09
C VAL A 149 -20.65 9.49 -23.89
N LYS A 150 -21.80 9.62 -23.20
CA LYS A 150 -22.25 8.74 -22.09
C LYS A 150 -22.00 7.26 -22.45
N LYS A 151 -22.21 6.87 -23.71
CA LYS A 151 -22.04 5.48 -24.21
C LYS A 151 -20.54 5.16 -24.37
N LEU A 152 -19.81 6.05 -25.06
CA LEU A 152 -18.33 5.99 -25.23
C LEU A 152 -17.64 5.86 -23.86
N ILE A 153 -17.98 6.74 -22.92
CA ILE A 153 -17.42 6.82 -21.54
C ILE A 153 -17.56 5.46 -20.85
N ASN A 154 -18.78 4.89 -20.90
CA ASN A 154 -19.12 3.56 -20.31
C ASN A 154 -18.19 2.51 -20.91
N SER A 155 -17.96 2.53 -22.22
CA SER A 155 -17.10 1.55 -22.94
C SER A 155 -15.64 1.71 -22.48
N GLN A 156 -15.20 2.95 -22.25
CA GLN A 156 -13.80 3.27 -21.84
C GLN A 156 -13.56 2.80 -20.40
N ILE A 157 -14.50 3.08 -19.48
CA ILE A 157 -14.41 2.64 -18.06
C ILE A 157 -14.26 1.12 -18.07
N SER A 158 -15.13 0.43 -18.81
CA SER A 158 -15.16 -1.05 -18.97
C SER A 158 -13.78 -1.58 -19.40
N LEU A 159 -13.20 -1.02 -20.45
CA LEU A 159 -11.85 -1.43 -20.93
C LEU A 159 -10.81 -1.17 -19.84
N LEU A 160 -10.77 0.05 -19.29
CA LEU A 160 -9.78 0.47 -18.25
C LEU A 160 -9.83 -0.47 -17.05
N ILE A 161 -11.01 -0.75 -16.51
CA ILE A 161 -11.13 -1.45 -15.19
C ILE A 161 -11.02 -2.96 -15.38
N GLY A 162 -11.14 -3.46 -16.62
CA GLY A 162 -11.02 -4.89 -16.95
C GLY A 162 -12.35 -5.64 -16.83
N LYS A 163 -13.47 -4.94 -16.60
CA LYS A 163 -14.81 -5.54 -16.37
C LYS A 163 -15.92 -4.68 -17.00
N GLY A 164 -16.79 -5.29 -17.81
CA GLY A 164 -17.92 -4.61 -18.47
C GLY A 164 -18.94 -4.07 -17.46
N LEU A 165 -19.35 -2.81 -17.62
CA LEU A 165 -20.35 -2.15 -16.74
C LEU A 165 -21.69 -2.92 -16.83
N HIS A 166 -22.01 -3.49 -18.00
CA HIS A 166 -23.22 -4.33 -18.24
C HIS A 166 -23.26 -5.52 -17.26
N GLU A 167 -22.10 -6.09 -16.91
CA GLU A 167 -21.99 -7.22 -15.95
C GLU A 167 -22.60 -6.86 -14.59
N PHE A 168 -22.39 -5.62 -14.15
CA PHE A 168 -22.92 -5.10 -12.86
C PHE A 168 -24.45 -5.17 -12.92
N ASP A 169 -25.04 -4.55 -13.96
CA ASP A 169 -26.51 -4.49 -14.21
C ASP A 169 -27.11 -5.88 -14.06
N SER A 170 -26.47 -6.91 -14.64
CA SER A 170 -26.99 -8.29 -14.83
C SER A 170 -26.98 -9.10 -13.53
N LEU A 171 -26.51 -8.52 -12.41
CA LEU A 171 -26.51 -9.19 -11.09
C LEU A 171 -27.87 -8.99 -10.40
N ARG A 172 -28.66 -8.05 -10.91
CA ARG A 172 -29.99 -7.69 -10.35
C ARG A 172 -29.84 -7.51 -8.83
N ASP A 173 -28.88 -6.66 -8.43
CA ASP A 173 -28.46 -6.44 -7.02
C ASP A 173 -28.74 -4.98 -6.64
N PRO A 174 -29.81 -4.72 -5.86
CA PRO A 174 -30.12 -3.35 -5.40
C PRO A 174 -28.97 -2.62 -4.67
N GLU A 175 -28.15 -3.34 -3.92
CA GLU A 175 -27.02 -2.78 -3.14
C GLU A 175 -25.92 -2.31 -4.09
N VAL A 176 -25.55 -3.15 -5.06
CA VAL A 176 -24.63 -2.80 -6.18
C VAL A 176 -25.21 -1.57 -6.87
N ASN A 177 -26.50 -1.61 -7.19
CA ASN A 177 -27.23 -0.53 -7.91
C ASN A 177 -27.16 0.77 -7.11
N ASP A 178 -27.39 0.68 -5.80
CA ASP A 178 -27.44 1.88 -4.92
C ASP A 178 -26.02 2.41 -4.66
N PHE A 179 -25.01 1.54 -4.57
CA PHE A 179 -23.58 1.96 -4.52
C PHE A 179 -23.27 2.82 -5.74
N ARG A 180 -23.68 2.35 -6.92
CA ARG A 180 -23.40 2.95 -8.25
C ARG A 180 -24.03 4.33 -8.36
N THR A 181 -25.35 4.47 -8.13
CA THR A 181 -26.06 5.79 -8.22
C THR A 181 -25.48 6.71 -7.13
N LYS A 182 -25.25 6.21 -5.92
CA LYS A 182 -24.84 7.08 -4.77
C LYS A 182 -23.39 7.57 -4.96
N MET A 183 -22.44 6.70 -5.29
CA MET A 183 -21.01 7.10 -5.41
C MET A 183 -20.79 7.91 -6.69
N ARG A 184 -21.52 7.62 -7.76
CA ARG A 184 -21.48 8.43 -9.01
C ARG A 184 -21.81 9.89 -8.68
N GLN A 185 -22.83 10.11 -7.85
CA GLN A 185 -23.30 11.46 -7.44
C GLN A 185 -22.24 12.14 -6.58
N PHE A 186 -21.71 11.41 -5.59
CA PHE A 186 -20.57 11.84 -4.73
C PHE A 186 -19.40 12.31 -5.62
N CYS A 187 -18.99 11.49 -6.59
CA CYS A 187 -17.77 11.74 -7.40
C CYS A 187 -18.02 12.86 -8.41
N GLU A 188 -19.23 12.96 -8.98
CA GLU A 188 -19.60 14.05 -9.93
C GLU A 188 -19.65 15.38 -9.15
N GLU A 189 -20.01 15.35 -7.87
CA GLU A 189 -20.03 16.55 -7.00
C GLU A 189 -18.58 16.99 -6.72
N ALA A 190 -17.66 16.04 -6.50
CA ALA A 190 -16.22 16.32 -6.33
C ALA A 190 -15.69 16.95 -7.63
N ALA A 191 -16.05 16.37 -8.79
CA ALA A 191 -15.66 16.88 -10.13
C ALA A 191 -16.12 18.33 -10.28
N ALA A 192 -17.35 18.65 -9.84
CA ALA A 192 -17.97 19.99 -9.93
C ALA A 192 -17.18 20.98 -9.07
N HIS A 193 -16.79 20.59 -7.84
CA HIS A 193 -15.94 21.37 -6.90
C HIS A 193 -14.57 21.68 -7.53
N ARG A 194 -14.03 20.78 -8.36
CA ARG A 194 -12.65 20.81 -8.88
C ARG A 194 -12.51 21.81 -10.04
N GLN A 195 -13.47 21.83 -10.97
CA GLN A 195 -13.43 22.67 -12.18
C GLN A 195 -13.48 24.16 -11.82
N GLN A 196 -13.89 24.52 -10.60
CA GLN A 196 -13.97 25.93 -10.12
C GLN A 196 -12.88 26.23 -9.07
N LEU A 197 -12.05 25.25 -8.68
CA LEU A 197 -10.87 25.53 -7.81
C LEU A 197 -10.12 26.74 -8.38
N GLY A 198 -9.58 27.61 -7.53
CA GLY A 198 -8.61 28.64 -7.95
C GLY A 198 -7.37 28.00 -8.56
N TRP A 199 -6.48 28.77 -9.17
CA TRP A 199 -5.33 28.19 -9.94
C TRP A 199 -4.28 27.60 -8.98
N VAL A 200 -4.08 28.21 -7.80
CA VAL A 200 -3.18 27.68 -6.74
C VAL A 200 -3.79 26.39 -6.19
N GLU A 201 -5.11 26.40 -5.95
CA GLU A 201 -5.89 25.21 -5.51
C GLU A 201 -5.76 24.09 -6.55
N TRP A 202 -5.81 24.44 -7.84
CA TRP A 202 -5.64 23.48 -8.95
C TRP A 202 -4.25 22.82 -8.85
N LEU A 203 -3.19 23.63 -8.82
CA LEU A 203 -1.78 23.20 -8.59
C LEU A 203 -1.76 22.14 -7.49
N GLN A 204 -2.37 22.45 -6.34
CA GLN A 204 -2.40 21.60 -5.12
C GLN A 204 -3.13 20.29 -5.44
N TYR A 205 -4.26 20.34 -6.16
CA TYR A 205 -5.04 19.15 -6.58
C TYR A 205 -4.16 18.26 -7.47
N SER A 206 -3.58 18.85 -8.52
CA SER A 206 -2.97 18.17 -9.68
C SER A 206 -1.50 17.85 -9.41
N PHE A 207 -0.74 18.83 -8.92
CA PHE A 207 0.72 18.73 -8.70
C PHE A 207 1.00 18.91 -7.21
N PRO A 208 0.57 17.99 -6.33
CA PRO A 208 0.73 18.19 -4.89
C PRO A 208 2.23 18.20 -4.55
N LEU A 209 2.64 19.05 -3.60
CA LEU A 209 4.07 19.32 -3.29
C LEU A 209 4.76 18.05 -2.78
N GLN A 210 5.87 17.68 -3.42
CA GLN A 210 6.77 16.61 -2.93
C GLN A 210 7.83 17.27 -2.03
N LEU A 211 7.60 17.24 -0.72
CA LEU A 211 8.48 17.84 0.31
C LEU A 211 9.30 16.74 0.98
N GLU A 212 10.48 17.10 1.49
CA GLU A 212 11.37 16.22 2.29
C GLU A 212 10.70 15.96 3.63
N PRO A 213 10.78 14.72 4.15
CA PRO A 213 10.36 14.40 5.51
C PRO A 213 11.19 15.05 6.63
N ASN A 227 22.30 30.33 3.81
CA ASN A 227 22.95 29.16 4.46
C ASN A 227 23.99 28.56 3.51
N ARG A 228 23.61 28.32 2.24
CA ARG A 228 24.45 27.59 1.26
C ARG A 228 24.05 27.97 -0.17
N ALA A 229 25.03 27.99 -1.08
CA ALA A 229 24.91 28.53 -2.47
C ALA A 229 24.40 27.45 -3.43
N LEU A 230 23.41 27.81 -4.26
CA LEU A 230 22.80 26.92 -5.27
C LEU A 230 22.66 27.67 -6.59
N LEU A 231 23.15 27.08 -7.69
CA LEU A 231 22.87 27.50 -9.08
C LEU A 231 21.58 26.84 -9.54
N VAL A 232 20.68 27.60 -10.19
CA VAL A 232 19.39 27.08 -10.73
C VAL A 232 19.20 27.67 -12.12
N ASN A 233 18.77 26.84 -13.08
CA ASN A 233 18.44 27.29 -14.45
C ASN A 233 16.93 27.55 -14.50
N VAL A 234 16.53 28.73 -15.01
CA VAL A 234 15.11 29.13 -15.12
C VAL A 234 14.87 29.75 -16.49
N LYS A 235 13.85 29.23 -17.19
CA LYS A 235 13.30 29.81 -18.44
C LYS A 235 11.80 30.06 -18.23
N PHE A 236 11.16 30.71 -19.20
CA PHE A 236 9.68 30.92 -19.26
C PHE A 236 9.09 29.88 -20.22
N GLU A 237 7.78 29.63 -20.12
CA GLU A 237 7.09 28.48 -20.75
C GLU A 237 7.22 28.53 -22.28
N GLY A 238 7.16 29.72 -22.88
CA GLY A 238 7.10 29.90 -24.34
C GLY A 238 8.43 30.33 -24.94
N SER A 239 9.56 29.88 -24.38
CA SER A 239 10.92 30.39 -24.71
C SER A 239 11.98 29.29 -24.55
N GLU A 240 12.91 29.23 -25.51
CA GLU A 240 14.15 28.40 -25.43
C GLU A 240 15.17 29.13 -24.54
N GLU A 241 15.05 30.46 -24.45
CA GLU A 241 15.94 31.35 -23.66
C GLU A 241 15.79 31.02 -22.17
N SER A 242 16.90 30.91 -21.45
CA SER A 242 16.97 30.46 -20.03
C SER A 242 18.11 31.18 -19.31
N PHE A 243 17.89 31.55 -18.04
CA PHE A 243 18.87 32.23 -17.16
C PHE A 243 19.29 31.30 -16.02
N THR A 244 20.61 31.17 -15.77
CA THR A 244 21.20 30.38 -14.66
C THR A 244 21.55 31.33 -13.51
N PHE A 245 20.68 31.40 -12.49
CA PHE A 245 20.80 32.29 -11.30
C PHE A 245 21.51 31.58 -10.15
N GLN A 246 22.25 32.33 -9.32
CA GLN A 246 22.74 31.89 -7.99
C GLN A 246 21.72 32.34 -6.94
N VAL A 247 21.20 31.41 -6.15
CA VAL A 247 20.30 31.68 -4.99
C VAL A 247 20.82 30.84 -3.83
N SER A 248 20.17 30.88 -2.66
CA SER A 248 20.51 30.01 -1.51
C SER A 248 19.45 28.91 -1.33
N THR A 249 19.84 27.83 -0.66
CA THR A 249 18.99 26.67 -0.32
C THR A 249 17.88 27.09 0.65
N LYS A 250 18.00 28.28 1.25
CA LYS A 250 16.99 28.86 2.17
C LYS A 250 16.09 29.85 1.42
N ASP A 251 16.35 30.09 0.13
CA ASP A 251 15.48 31.00 -0.67
C ASP A 251 14.15 30.30 -0.95
N MET A 252 13.05 31.04 -0.79
CA MET A 252 11.67 30.60 -1.16
C MET A 252 11.54 30.72 -2.67
N PRO A 253 10.73 29.84 -3.32
CA PRO A 253 10.35 29.98 -4.72
C PRO A 253 10.06 31.42 -5.20
N LEU A 254 9.41 32.23 -4.36
CA LEU A 254 8.96 33.60 -4.73
C LEU A 254 10.15 34.46 -5.13
N ALA A 255 11.19 34.49 -4.29
CA ALA A 255 12.47 35.19 -4.53
C ALA A 255 13.01 34.80 -5.90
N LEU A 256 12.95 33.51 -6.24
CA LEU A 256 13.49 32.95 -7.49
C LEU A 256 12.67 33.47 -8.68
N MET A 257 11.35 33.52 -8.52
CA MET A 257 10.39 33.97 -9.55
C MET A 257 10.56 35.49 -9.76
N ALA A 258 10.74 36.24 -8.67
CA ALA A 258 11.10 37.68 -8.66
C ALA A 258 12.34 37.88 -9.55
N CYS A 259 13.43 37.13 -9.27
CA CYS A 259 14.72 37.22 -10.01
C CYS A 259 14.48 36.91 -11.48
N ALA A 260 13.83 35.78 -11.76
CA ALA A 260 13.50 35.31 -13.13
C ALA A 260 12.84 36.46 -13.89
N LEU A 261 11.83 37.11 -13.30
CA LEU A 261 11.01 38.19 -13.92
C LEU A 261 11.84 39.49 -14.04
N ARG A 262 12.65 39.83 -13.03
CA ARG A 262 13.55 41.01 -13.13
C ARG A 262 14.44 40.82 -14.36
N LYS A 263 15.01 39.63 -14.55
CA LYS A 263 15.96 39.31 -15.64
C LYS A 263 15.23 39.48 -16.99
N LYS A 264 13.98 39.01 -17.08
CA LYS A 264 13.15 39.10 -18.32
C LYS A 264 12.95 40.57 -18.70
N ALA A 265 12.72 41.45 -17.71
CA ALA A 265 12.39 42.88 -17.89
C ALA A 265 13.60 43.63 -18.46
N THR A 266 14.82 43.13 -18.19
CA THR A 266 16.10 43.67 -18.73
C THR A 266 16.22 43.31 -20.23
N VAL A 267 15.88 42.08 -20.60
CA VAL A 267 16.03 41.55 -21.99
C VAL A 267 14.86 42.06 -22.86
N PHE A 268 13.63 41.98 -22.36
CA PHE A 268 12.39 42.41 -23.08
C PHE A 268 12.17 43.93 -22.92
N ARG A 269 13.07 44.62 -22.23
CA ARG A 269 13.15 46.11 -22.18
C ARG A 269 11.82 46.68 -21.65
N GLN A 270 11.25 46.05 -20.63
CA GLN A 270 9.96 46.44 -19.99
C GLN A 270 9.02 47.04 -21.05
N GLN A 275 5.24 40.39 -11.80
CA GLN A 275 4.58 40.07 -10.50
C GLN A 275 4.73 38.57 -10.20
N PRO A 276 5.68 38.16 -9.31
CA PRO A 276 5.95 36.75 -9.06
C PRO A 276 4.83 35.93 -8.42
N GLU A 277 3.80 36.58 -7.86
CA GLU A 277 2.64 35.93 -7.19
C GLU A 277 1.78 35.16 -8.19
N GLU A 278 1.90 35.43 -9.49
CA GLU A 278 1.01 34.87 -10.56
C GLU A 278 1.66 33.66 -11.24
N TYR A 279 2.78 33.16 -10.71
CA TYR A 279 3.64 32.12 -11.34
C TYR A 279 3.83 30.91 -10.41
N ALA A 280 4.02 29.73 -11.01
CA ALA A 280 4.61 28.55 -10.34
C ALA A 280 5.81 28.06 -11.16
N LEU A 281 6.79 27.46 -10.49
CA LEU A 281 8.01 26.89 -11.11
C LEU A 281 7.78 25.40 -11.37
N GLN A 282 7.66 25.04 -12.64
CA GLN A 282 7.58 23.62 -13.06
C GLN A 282 9.00 23.06 -13.07
N VAL A 283 9.19 21.84 -12.58
CA VAL A 283 10.42 21.05 -12.89
C VAL A 283 10.27 20.65 -14.36
N ASN A 284 11.26 21.03 -15.19
CA ASN A 284 11.32 20.85 -16.66
C ASN A 284 11.09 19.39 -17.04
N GLY A 285 10.15 19.18 -17.97
CA GLY A 285 9.68 17.85 -18.39
C GLY A 285 9.21 16.99 -17.23
N ARG A 286 8.62 17.58 -16.18
CA ARG A 286 7.90 16.79 -15.13
C ARG A 286 6.54 17.42 -14.82
N HIS A 287 5.59 16.61 -14.34
CA HIS A 287 4.32 17.11 -13.74
C HIS A 287 4.58 17.39 -12.26
N GLU A 288 5.56 18.26 -12.01
CA GLU A 288 6.04 18.59 -10.66
C GLU A 288 6.24 20.11 -10.62
N TYR A 289 5.76 20.76 -9.56
CA TYR A 289 5.90 22.23 -9.39
C TYR A 289 6.50 22.54 -8.03
N LEU A 290 7.34 23.59 -7.99
CA LEU A 290 7.88 24.24 -6.78
C LEU A 290 7.06 25.51 -6.55
N TYR A 291 6.32 25.55 -5.45
CA TYR A 291 5.49 26.71 -5.03
C TYR A 291 5.32 26.66 -3.51
N GLY A 292 4.68 27.68 -2.93
CA GLY A 292 4.38 27.77 -1.49
C GLY A 292 5.55 28.32 -0.68
N ASN A 293 5.32 28.53 0.62
CA ASN A 293 6.26 29.15 1.57
C ASN A 293 7.17 28.07 2.17
N TYR A 294 8.15 27.61 1.37
CA TYR A 294 9.16 26.60 1.77
C TYR A 294 10.48 26.93 1.08
N PRO A 295 11.63 26.87 1.79
CA PRO A 295 12.93 27.04 1.16
C PRO A 295 13.21 25.89 0.17
N LEU A 296 14.03 26.16 -0.84
CA LEU A 296 14.35 25.22 -1.94
C LEU A 296 14.87 23.88 -1.41
N CYS A 297 15.71 23.86 -0.36
CA CYS A 297 16.26 22.60 0.21
C CYS A 297 15.18 21.71 0.84
N HIS A 298 13.96 22.22 1.12
CA HIS A 298 12.80 21.43 1.63
C HIS A 298 12.10 20.64 0.51
N PHE A 299 12.32 20.98 -0.77
CA PHE A 299 11.66 20.35 -1.94
C PHE A 299 12.51 19.15 -2.39
N GLN A 300 11.89 17.97 -2.50
CA GLN A 300 12.56 16.69 -2.84
C GLN A 300 13.48 16.91 -4.04
N TYR A 301 12.97 17.47 -5.14
CA TYR A 301 13.71 17.65 -6.41
C TYR A 301 15.00 18.44 -6.14
N ILE A 302 14.90 19.56 -5.41
CA ILE A 302 16.05 20.43 -5.05
C ILE A 302 17.05 19.60 -4.25
N CYS A 303 16.60 18.99 -3.15
CA CYS A 303 17.37 18.04 -2.29
C CYS A 303 18.10 17.00 -3.17
N SER A 304 17.35 16.30 -4.02
CA SER A 304 17.84 15.27 -4.96
C SER A 304 18.97 15.87 -5.82
N CYS A 305 18.80 17.10 -6.30
CA CYS A 305 19.79 17.85 -7.12
C CYS A 305 21.03 18.16 -6.25
N LEU A 306 20.84 18.68 -5.03
CA LEU A 306 21.94 19.05 -4.09
C LEU A 306 22.84 17.83 -3.86
N HIS A 307 22.25 16.65 -3.67
CA HIS A 307 22.96 15.37 -3.38
C HIS A 307 23.68 14.86 -4.63
N SER A 308 23.00 14.77 -5.76
CA SER A 308 23.53 14.23 -7.04
C SER A 308 24.45 15.25 -7.74
N GLY A 309 24.59 16.46 -7.18
CA GLY A 309 25.42 17.56 -7.70
C GLY A 309 24.94 18.08 -9.06
N LEU A 310 23.62 18.03 -9.30
CA LEU A 310 22.96 18.41 -10.58
C LEU A 310 22.40 19.83 -10.45
N THR A 311 22.13 20.51 -11.57
CA THR A 311 21.54 21.88 -11.60
C THR A 311 20.02 21.78 -11.72
N PRO A 312 19.25 22.24 -10.72
CA PRO A 312 17.80 22.35 -10.88
C PRO A 312 17.47 23.13 -12.15
N HIS A 313 16.55 22.61 -12.97
CA HIS A 313 15.98 23.26 -14.19
C HIS A 313 14.48 23.47 -13.97
N LEU A 314 14.02 24.71 -14.05
CA LEU A 314 12.63 25.12 -13.68
C LEU A 314 12.06 26.02 -14.78
N THR A 315 10.74 25.95 -14.96
CA THR A 315 10.02 26.70 -16.03
C THR A 315 8.97 27.57 -15.34
N MET A 316 9.08 28.88 -15.52
CA MET A 316 8.11 29.87 -14.99
C MET A 316 6.78 29.69 -15.74
N VAL A 317 5.72 29.34 -15.00
CA VAL A 317 4.37 29.06 -15.56
C VAL A 317 3.36 30.05 -14.93
N HIS A 318 2.73 30.88 -15.76
CA HIS A 318 1.73 31.91 -15.35
C HIS A 318 0.41 31.23 -14.95
N SER A 319 -0.38 31.85 -14.08
CA SER A 319 -1.68 31.34 -13.58
C SER A 319 -2.60 30.96 -14.76
N SER A 320 -2.70 31.83 -15.77
CA SER A 320 -3.58 31.68 -16.97
C SER A 320 -3.30 30.34 -17.70
N SER A 321 -2.04 29.89 -17.71
CA SER A 321 -1.62 28.60 -18.31
C SER A 321 -2.14 27.43 -17.45
N ILE A 322 -2.15 27.59 -16.12
CA ILE A 322 -2.62 26.55 -15.15
C ILE A 322 -4.15 26.44 -15.23
N LEU A 323 -4.85 27.56 -15.41
CA LEU A 323 -6.33 27.60 -15.60
C LEU A 323 -6.70 26.89 -16.90
N ALA A 324 -5.91 27.11 -17.96
CA ALA A 324 -6.02 26.40 -19.26
C ALA A 324 -5.98 24.88 -19.03
N MET A 325 -5.08 24.38 -18.16
CA MET A 325 -4.97 22.93 -17.82
C MET A 325 -6.24 22.49 -17.08
N ARG A 326 -6.77 23.32 -16.17
CA ARG A 326 -7.97 22.98 -15.37
C ARG A 326 -9.16 22.83 -16.34
N ASP A 327 -9.30 23.79 -17.25
CA ASP A 327 -10.48 23.93 -18.14
C ASP A 327 -10.52 22.78 -19.14
N GLU A 328 -9.38 22.43 -19.75
CA GLU A 328 -9.25 21.35 -20.77
C GLU A 328 -9.48 19.97 -20.13
N GLN A 329 -9.42 19.88 -18.79
CA GLN A 329 -9.50 18.59 -18.06
C GLN A 329 -10.81 18.54 -17.27
N SER A 330 -11.92 18.86 -17.93
CA SER A 330 -13.28 18.97 -17.32
C SER A 330 -14.17 17.83 -17.80
N ASN A 331 -15.11 17.43 -16.94
CA ASN A 331 -16.17 16.43 -17.26
C ASN A 331 -17.29 17.13 -18.03
N LEU A 356 -36.50 -6.65 16.41
CA LEU A 356 -35.98 -5.53 17.25
C LEU A 356 -35.73 -6.04 18.67
N TRP A 357 -35.94 -5.20 19.70
CA TRP A 357 -35.72 -5.54 21.13
C TRP A 357 -36.80 -6.51 21.62
N SER A 358 -37.91 -6.64 20.88
CA SER A 358 -39.09 -7.50 21.17
C SER A 358 -38.74 -8.99 21.13
N LEU A 359 -37.77 -9.41 20.31
CA LEU A 359 -37.57 -10.84 19.91
C LEU A 359 -36.57 -11.52 20.83
N GLU A 360 -37.05 -12.32 21.80
CA GLU A 360 -36.20 -13.01 22.81
C GLU A 360 -35.91 -14.45 22.38
N GLN A 361 -36.59 -14.98 21.36
CA GLN A 361 -36.36 -16.38 20.89
C GLN A 361 -34.91 -16.51 20.44
N PRO A 362 -34.26 -17.67 20.67
CA PRO A 362 -32.94 -17.94 20.09
C PRO A 362 -32.94 -17.79 18.57
N PHE A 363 -31.94 -17.10 18.01
CA PHE A 363 -31.68 -17.05 16.55
C PHE A 363 -31.61 -18.49 16.05
N SER A 364 -32.15 -18.76 14.86
CA SER A 364 -32.23 -20.13 14.28
C SER A 364 -32.24 -20.04 12.75
N ILE A 365 -31.80 -21.10 12.09
CA ILE A 365 -31.87 -21.24 10.61
C ILE A 365 -32.32 -22.67 10.28
N GLU A 366 -32.91 -22.84 9.09
CA GLU A 366 -33.02 -24.16 8.42
C GLU A 366 -31.80 -24.33 7.52
N LEU A 367 -30.98 -25.35 7.77
CA LEU A 367 -30.10 -25.96 6.74
C LEU A 367 -30.93 -26.94 5.90
N ILE A 368 -31.09 -26.66 4.60
CA ILE A 368 -32.00 -27.39 3.67
C ILE A 368 -31.20 -28.44 2.90
N GLU A 369 -30.20 -28.03 2.10
CA GLU A 369 -29.41 -28.94 1.23
C GLU A 369 -28.21 -28.25 0.58
N GLY A 370 -27.24 -29.05 0.13
CA GLY A 370 -26.07 -28.60 -0.66
C GLY A 370 -26.17 -29.06 -2.12
N ARG A 371 -25.09 -28.82 -2.89
CA ARG A 371 -24.94 -29.17 -4.33
C ARG A 371 -23.43 -29.28 -4.64
N LYS A 372 -22.84 -30.48 -4.60
CA LYS A 372 -21.36 -30.68 -4.60
C LYS A 372 -20.96 -32.15 -4.77
N VAL A 373 -19.64 -32.40 -4.83
CA VAL A 373 -19.00 -33.74 -4.97
C VAL A 373 -17.77 -33.77 -4.05
N ASN A 374 -17.41 -34.95 -3.51
CA ASN A 374 -16.22 -35.17 -2.64
C ASN A 374 -15.97 -36.66 -2.44
N ALA A 375 -14.79 -37.02 -1.92
CA ALA A 375 -14.32 -38.40 -1.66
C ALA A 375 -14.41 -38.73 -0.17
N MET A 379 -16.86 -41.39 3.27
CA MET A 379 -16.94 -40.33 4.33
C MET A 379 -18.36 -39.74 4.38
N LYS A 380 -18.60 -38.85 5.34
CA LYS A 380 -19.90 -38.16 5.56
C LYS A 380 -19.65 -36.64 5.55
N LEU A 381 -20.68 -35.85 5.22
CA LEU A 381 -20.59 -34.36 5.14
C LEU A 381 -21.04 -33.75 6.46
N VAL A 382 -20.35 -32.70 6.91
CA VAL A 382 -20.56 -32.03 8.23
C VAL A 382 -20.49 -30.51 8.02
N VAL A 383 -21.58 -29.80 8.36
CA VAL A 383 -21.73 -28.32 8.18
C VAL A 383 -21.63 -27.64 9.55
N GLN A 384 -20.42 -27.18 9.91
CA GLN A 384 -20.16 -26.38 11.15
C GLN A 384 -20.54 -24.93 10.87
N ALA A 385 -21.44 -24.37 11.68
CA ALA A 385 -22.02 -23.01 11.55
C ALA A 385 -21.76 -22.22 12.83
N GLY A 386 -21.34 -20.96 12.70
CA GLY A 386 -20.99 -20.10 13.84
C GLY A 386 -21.47 -18.69 13.66
N LEU A 387 -21.78 -18.02 14.78
CA LEU A 387 -22.12 -16.57 14.82
C LEU A 387 -20.91 -15.81 15.36
N PHE A 388 -20.35 -14.90 14.55
CA PHE A 388 -19.09 -14.18 14.84
C PHE A 388 -19.36 -12.67 14.76
N HIS A 389 -18.69 -11.93 15.64
CA HIS A 389 -18.47 -10.47 15.59
C HIS A 389 -16.97 -10.24 15.37
N GLY A 390 -16.57 -9.86 14.16
CA GLY A 390 -15.16 -9.94 13.71
C GLY A 390 -14.57 -11.31 14.05
N ASN A 391 -13.50 -11.33 14.84
CA ASN A 391 -12.80 -12.56 15.31
C ASN A 391 -13.63 -13.28 16.39
N GLU A 392 -14.45 -12.54 17.15
CA GLU A 392 -15.10 -13.08 18.39
C GLU A 392 -16.36 -13.87 18.06
N MET A 393 -16.52 -15.02 18.73
CA MET A 393 -17.76 -15.83 18.73
C MET A 393 -18.80 -15.11 19.60
N LEU A 394 -20.03 -15.03 19.12
CA LEU A 394 -21.20 -14.48 19.86
C LEU A 394 -21.83 -15.60 20.69
N CYS A 395 -21.47 -16.83 20.39
CA CYS A 395 -21.82 -18.07 21.13
C CYS A 395 -21.04 -19.24 20.55
N LYS A 396 -21.05 -20.39 21.21
CA LYS A 396 -20.34 -21.61 20.74
C LYS A 396 -20.89 -21.99 19.36
N THR A 397 -20.10 -22.73 18.58
CA THR A 397 -20.47 -23.20 17.23
C THR A 397 -21.52 -24.32 17.36
N VAL A 398 -22.33 -24.53 16.33
CA VAL A 398 -23.34 -25.63 16.28
C VAL A 398 -23.22 -26.36 14.94
N SER A 399 -23.09 -27.69 14.99
CA SER A 399 -22.97 -28.62 13.84
C SER A 399 -24.33 -29.24 13.51
N SER A 400 -24.61 -29.44 12.22
CA SER A 400 -25.74 -30.24 11.69
C SER A 400 -25.39 -31.73 11.78
N SER A 401 -26.35 -32.61 11.44
CA SER A 401 -26.19 -34.09 11.48
C SER A 401 -25.15 -34.54 10.45
N GLU A 402 -24.51 -35.69 10.67
CA GLU A 402 -23.65 -36.37 9.67
C GLU A 402 -24.55 -37.04 8.61
N VAL A 403 -24.22 -36.82 7.34
CA VAL A 403 -24.98 -37.31 6.14
C VAL A 403 -23.96 -37.77 5.10
N ASN A 404 -24.24 -38.87 4.39
CA ASN A 404 -23.34 -39.48 3.38
C ASN A 404 -23.04 -38.47 2.27
N VAL A 405 -21.91 -38.63 1.58
CA VAL A 405 -21.41 -37.69 0.53
C VAL A 405 -22.26 -37.76 -0.75
N CYS A 406 -23.02 -38.84 -0.95
CA CYS A 406 -23.93 -39.01 -2.11
C CYS A 406 -24.82 -37.76 -2.24
N SER A 407 -25.08 -37.31 -3.47
CA SER A 407 -25.76 -36.02 -3.73
C SER A 407 -24.71 -34.92 -3.54
N GLU A 408 -25.03 -33.61 -3.44
CA GLU A 408 -26.34 -32.95 -3.41
C GLU A 408 -27.09 -33.28 -2.12
N PRO A 409 -26.46 -33.07 -0.94
CA PRO A 409 -26.97 -33.61 0.33
C PRO A 409 -28.20 -32.84 0.85
N VAL A 410 -29.07 -33.52 1.61
CA VAL A 410 -30.29 -32.89 2.22
C VAL A 410 -30.22 -33.06 3.74
N TRP A 411 -30.20 -31.95 4.49
CA TRP A 411 -30.23 -31.94 5.99
C TRP A 411 -31.65 -31.63 6.49
N LYS A 412 -32.26 -30.56 5.98
CA LYS A 412 -33.64 -30.10 6.31
C LYS A 412 -33.87 -30.24 7.82
N GLN A 413 -32.95 -29.69 8.62
CA GLN A 413 -33.05 -29.60 10.09
C GLN A 413 -32.86 -28.13 10.51
N ARG A 414 -33.38 -27.78 11.69
CA ARG A 414 -33.17 -26.45 12.33
C ARG A 414 -31.84 -26.51 13.08
N LEU A 415 -31.00 -25.48 12.93
CA LEU A 415 -29.82 -25.22 13.79
C LEU A 415 -30.17 -24.04 14.71
N GLU A 416 -30.02 -24.24 16.03
CA GLU A 416 -30.32 -23.21 17.08
C GLU A 416 -29.03 -22.85 17.82
N PHE A 417 -28.76 -21.55 17.94
CA PHE A 417 -27.54 -21.00 18.59
C PHE A 417 -27.93 -20.34 19.91
N ASP A 418 -26.95 -20.23 20.80
CA ASP A 418 -27.13 -19.81 22.22
C ASP A 418 -27.07 -18.28 22.30
N ILE A 419 -27.96 -17.58 21.58
CA ILE A 419 -28.15 -16.10 21.66
C ILE A 419 -29.59 -15.78 21.25
N SER A 420 -30.17 -14.72 21.83
CA SER A 420 -31.50 -14.16 21.49
C SER A 420 -31.40 -13.28 20.24
N VAL A 421 -32.48 -13.15 19.48
CA VAL A 421 -32.54 -12.35 18.22
C VAL A 421 -32.44 -10.85 18.54
N CYS A 422 -32.85 -10.45 19.75
CA CYS A 422 -32.70 -9.06 20.27
C CYS A 422 -31.21 -8.74 20.47
N ASP A 423 -30.36 -9.75 20.67
CA ASP A 423 -28.95 -9.62 21.11
C ASP A 423 -27.97 -9.74 19.92
N LEU A 424 -28.45 -9.79 18.67
CA LEU A 424 -27.59 -9.87 17.46
C LEU A 424 -26.96 -8.50 17.25
N PRO A 425 -25.62 -8.39 17.17
CA PRO A 425 -24.98 -7.13 16.85
C PRO A 425 -25.27 -6.80 15.38
N ARG A 426 -25.32 -5.49 15.07
CA ARG A 426 -25.60 -4.95 13.71
C ARG A 426 -24.71 -5.65 12.66
N MET A 427 -23.48 -6.00 13.03
CA MET A 427 -22.45 -6.56 12.11
C MET A 427 -22.23 -8.05 12.41
N ALA A 428 -23.29 -8.77 12.79
CA ALA A 428 -23.27 -10.22 13.10
C ALA A 428 -22.99 -11.01 11.81
N ARG A 429 -22.05 -11.94 11.88
CA ARG A 429 -21.61 -12.77 10.73
C ARG A 429 -21.93 -14.24 11.00
N LEU A 430 -22.91 -14.78 10.27
CA LEU A 430 -23.18 -16.24 10.20
C LEU A 430 -22.21 -16.86 9.21
N CYS A 431 -21.31 -17.74 9.69
CA CYS A 431 -20.25 -18.42 8.90
C CYS A 431 -20.50 -19.93 8.86
N PHE A 432 -20.12 -20.57 7.75
CA PHE A 432 -20.31 -22.02 7.46
C PHE A 432 -18.99 -22.63 7.00
N ALA A 433 -18.70 -23.87 7.39
CA ALA A 433 -17.62 -24.70 6.79
C ALA A 433 -18.14 -26.12 6.54
N LEU A 434 -18.23 -26.51 5.27
CA LEU A 434 -18.53 -27.89 4.82
C LEU A 434 -17.20 -28.67 4.76
N TYR A 435 -17.18 -29.88 5.34
CA TYR A 435 -15.99 -30.76 5.40
C TYR A 435 -16.44 -32.22 5.59
N ALA A 436 -15.48 -33.15 5.63
CA ALA A 436 -15.70 -34.60 5.83
C ALA A 436 -14.55 -35.22 6.64
N VAL A 437 -14.76 -36.39 7.24
CA VAL A 437 -13.71 -37.18 7.96
C VAL A 437 -14.15 -38.64 8.10
N VAL A 438 -13.23 -39.52 8.51
CA VAL A 438 -13.49 -40.93 8.89
C VAL A 438 -14.49 -40.96 10.05
N ASP A 455 -8.98 -35.61 8.65
CA ASP A 455 -9.97 -34.51 8.44
C ASP A 455 -9.66 -33.82 7.10
N CYS A 456 -10.70 -33.39 6.38
CA CYS A 456 -10.63 -32.90 4.97
C CYS A 456 -11.57 -31.73 4.76
N PRO A 457 -11.06 -30.47 4.75
CA PRO A 457 -11.90 -29.30 4.47
C PRO A 457 -12.32 -29.26 3.00
N ILE A 458 -13.47 -28.66 2.68
CA ILE A 458 -14.05 -28.64 1.30
C ILE A 458 -14.37 -27.19 0.90
N ALA A 459 -15.27 -26.52 1.60
CA ALA A 459 -15.79 -25.18 1.22
C ALA A 459 -16.18 -24.40 2.48
N TRP A 460 -16.05 -23.06 2.42
CA TRP A 460 -16.50 -22.12 3.46
C TRP A 460 -17.42 -21.08 2.83
N ALA A 461 -18.29 -20.45 3.62
CA ALA A 461 -19.21 -19.39 3.17
C ALA A 461 -19.72 -18.58 4.37
N ASN A 462 -19.82 -17.25 4.21
CA ASN A 462 -20.33 -16.32 5.27
C ASN A 462 -21.34 -15.34 4.68
N LEU A 463 -22.23 -14.80 5.53
CA LEU A 463 -23.09 -13.65 5.18
C LEU A 463 -23.46 -12.87 6.44
N MET A 464 -23.78 -11.58 6.26
CA MET A 464 -24.28 -10.66 7.31
C MET A 464 -25.73 -11.05 7.61
N LEU A 465 -26.11 -11.07 8.89
CA LEU A 465 -27.48 -11.42 9.34
C LEU A 465 -28.43 -10.26 9.02
N PHE A 466 -27.90 -9.03 9.02
CA PHE A 466 -28.63 -7.81 8.58
C PHE A 466 -28.07 -7.37 7.23
N ASP A 467 -28.93 -6.87 6.34
CA ASP A 467 -28.53 -6.42 4.98
C ASP A 467 -28.08 -4.96 5.07
N TYR A 468 -27.84 -4.32 3.94
CA TYR A 468 -27.21 -2.96 3.86
C TYR A 468 -28.20 -1.90 4.34
N LYS A 469 -29.50 -2.20 4.33
CA LYS A 469 -30.59 -1.28 4.77
C LYS A 469 -30.98 -1.56 6.23
N ASP A 470 -30.13 -2.28 6.96
CA ASP A 470 -30.31 -2.57 8.41
C ASP A 470 -31.53 -3.46 8.62
N GLN A 471 -32.05 -4.10 7.56
CA GLN A 471 -33.20 -5.05 7.64
C GLN A 471 -32.67 -6.44 8.00
N LEU A 472 -33.25 -7.07 9.02
CA LEU A 472 -32.94 -8.47 9.38
C LEU A 472 -33.39 -9.34 8.21
N LYS A 473 -32.55 -10.29 7.79
CA LYS A 473 -32.75 -11.07 6.53
C LYS A 473 -33.77 -12.18 6.76
N THR A 474 -34.76 -12.27 5.87
CA THR A 474 -35.57 -13.49 5.58
C THR A 474 -35.79 -13.55 4.07
N GLY A 475 -35.97 -14.76 3.51
CA GLY A 475 -36.11 -16.00 4.25
C GLY A 475 -35.15 -17.07 3.78
N GLU A 476 -35.06 -17.29 2.46
CA GLU A 476 -34.24 -18.36 1.83
C GLU A 476 -33.02 -17.75 1.13
N ARG A 477 -31.83 -18.30 1.37
CA ARG A 477 -30.55 -17.91 0.70
C ARG A 477 -29.86 -19.16 0.14
N CYS A 478 -29.39 -19.08 -1.10
CA CYS A 478 -28.39 -20.02 -1.67
C CYS A 478 -26.99 -19.39 -1.50
N LEU A 479 -26.08 -20.13 -0.85
CA LEU A 479 -24.70 -19.70 -0.51
C LEU A 479 -23.69 -20.38 -1.45
N TYR A 480 -23.26 -19.68 -2.49
CA TYR A 480 -22.18 -20.11 -3.41
C TYR A 480 -20.85 -20.01 -2.67
N MET A 481 -20.34 -21.15 -2.20
CA MET A 481 -19.23 -21.26 -1.22
C MET A 481 -17.88 -21.25 -1.94
N TRP A 482 -16.81 -20.94 -1.21
CA TRP A 482 -15.40 -20.83 -1.68
C TRP A 482 -14.60 -22.08 -1.28
N PRO A 483 -13.54 -22.45 -2.04
CA PRO A 483 -12.68 -23.56 -1.65
C PRO A 483 -11.71 -23.23 -0.50
N SER A 484 -11.41 -24.23 0.34
CA SER A 484 -10.58 -24.12 1.56
C SER A 484 -9.10 -24.37 1.24
N VAL A 485 -8.26 -24.63 2.25
CA VAL A 485 -6.79 -24.84 2.14
C VAL A 485 -6.51 -25.90 1.06
N LEU A 492 -10.96 -23.96 10.09
CA LEU A 492 -12.19 -24.56 9.49
C LEU A 492 -13.19 -23.45 9.18
N LEU A 493 -13.60 -22.70 10.21
CA LEU A 493 -14.49 -21.51 10.08
C LEU A 493 -13.64 -20.30 9.70
N ASN A 494 -14.17 -19.43 8.83
CA ASN A 494 -13.42 -18.31 8.19
C ASN A 494 -14.17 -16.99 8.34
N PRO A 495 -14.22 -16.41 9.56
CA PRO A 495 -14.99 -15.19 9.80
C PRO A 495 -14.45 -13.95 9.05
N ALA A 496 -13.13 -13.89 8.84
CA ALA A 496 -12.45 -12.79 8.09
C ALA A 496 -12.75 -12.90 6.57
N GLY A 497 -13.19 -14.09 6.10
CA GLY A 497 -13.60 -14.34 4.70
C GLY A 497 -14.71 -13.41 4.24
N THR A 498 -14.77 -13.10 2.93
CA THR A 498 -15.76 -12.20 2.31
C THR A 498 -17.19 -12.69 2.58
N VAL A 499 -18.15 -11.76 2.67
CA VAL A 499 -19.60 -12.03 2.94
C VAL A 499 -20.41 -11.91 1.64
N ARG A 500 -19.73 -12.04 0.50
CA ARG A 500 -20.40 -12.14 -0.83
C ARG A 500 -20.08 -13.52 -1.41
N GLY A 501 -21.04 -14.07 -2.16
CA GLY A 501 -20.98 -15.44 -2.70
C GLY A 501 -19.89 -15.59 -3.74
N ASN A 502 -19.35 -16.81 -3.86
CA ASN A 502 -18.48 -17.26 -4.97
C ASN A 502 -19.19 -16.95 -6.30
N PRO A 503 -18.61 -16.09 -7.18
CA PRO A 503 -19.26 -15.70 -8.43
C PRO A 503 -19.33 -16.83 -9.47
N ASN A 504 -18.53 -17.88 -9.26
CA ASN A 504 -18.44 -19.08 -10.12
C ASN A 504 -19.52 -20.10 -9.74
N THR A 505 -20.78 -19.80 -10.07
CA THR A 505 -21.99 -20.53 -9.60
C THR A 505 -22.13 -21.87 -10.34
N GLU A 506 -21.35 -22.10 -11.41
CA GLU A 506 -21.39 -23.36 -12.22
C GLU A 506 -20.58 -24.45 -11.51
N SER A 507 -19.37 -24.13 -11.02
CA SER A 507 -18.42 -25.09 -10.42
C SER A 507 -18.38 -25.00 -8.89
N ALA A 508 -18.99 -23.97 -8.28
CA ALA A 508 -18.97 -23.75 -6.81
C ALA A 508 -19.98 -24.65 -6.11
N ALA A 509 -19.52 -25.46 -5.14
CA ALA A 509 -20.39 -26.07 -4.11
C ALA A 509 -21.30 -24.98 -3.55
N ALA A 510 -22.59 -25.28 -3.37
CA ALA A 510 -23.59 -24.36 -2.77
C ALA A 510 -24.14 -24.99 -1.49
N LEU A 511 -24.65 -24.14 -0.59
CA LEU A 511 -25.40 -24.53 0.63
C LEU A 511 -26.64 -23.64 0.67
N VAL A 512 -27.83 -24.25 0.73
CA VAL A 512 -29.11 -23.49 0.79
C VAL A 512 -29.57 -23.53 2.25
N ILE A 513 -30.11 -22.41 2.72
CA ILE A 513 -30.51 -22.19 4.14
C ILE A 513 -31.84 -21.44 4.14
N TYR A 514 -32.60 -21.55 5.23
CA TYR A 514 -33.80 -20.71 5.47
C TYR A 514 -33.58 -19.94 6.77
N LEU A 515 -33.87 -18.64 6.73
CA LEU A 515 -33.82 -17.71 7.87
C LEU A 515 -35.24 -17.27 8.17
N PRO A 516 -35.78 -17.67 9.34
CA PRO A 516 -37.22 -17.61 9.60
C PRO A 516 -37.72 -16.16 9.71
N GLU A 517 -38.92 -15.89 9.20
CA GLU A 517 -39.69 -14.65 9.52
C GLU A 517 -40.04 -14.71 11.02
N VAL A 518 -39.23 -14.00 11.82
CA VAL A 518 -39.37 -13.84 13.30
C VAL A 518 -40.53 -12.88 13.61
N ALA A 519 -41.17 -12.32 12.58
CA ALA A 519 -42.31 -11.37 12.68
C ALA A 519 -42.97 -11.20 11.30
N PRO A 522 -41.10 -7.55 9.46
CA PRO A 522 -40.17 -6.61 8.78
C PRO A 522 -39.40 -5.77 9.81
N VAL A 523 -38.30 -6.34 10.33
CA VAL A 523 -37.62 -5.86 11.57
C VAL A 523 -36.21 -5.33 11.25
N TYR A 524 -36.00 -4.03 11.48
CA TYR A 524 -34.75 -3.26 11.22
C TYR A 524 -34.00 -3.03 12.54
N PHE A 525 -32.67 -2.93 12.48
CA PHE A 525 -31.78 -2.69 13.66
C PHE A 525 -32.13 -1.32 14.21
N PRO A 526 -32.21 -1.14 15.55
CA PRO A 526 -32.70 0.13 16.13
C PRO A 526 -31.86 1.35 15.69
N ALA A 527 -32.54 2.45 15.34
CA ALA A 527 -31.94 3.74 14.94
C ALA A 527 -30.96 4.23 16.03
N LEU A 528 -30.03 5.13 15.69
CA LEU A 528 -29.02 5.68 16.64
C LEU A 528 -29.74 6.29 17.85
N GLU A 529 -30.78 7.10 17.62
CA GLU A 529 -31.63 7.75 18.66
C GLU A 529 -32.09 6.69 19.69
N LYS A 530 -32.51 5.51 19.23
CA LYS A 530 -33.00 4.42 20.12
C LYS A 530 -31.80 3.86 20.89
N ILE A 531 -30.68 3.64 20.20
CA ILE A 531 -29.44 3.05 20.77
C ILE A 531 -28.91 3.99 21.88
N LEU A 532 -28.89 5.30 21.62
CA LEU A 532 -28.40 6.31 22.61
C LEU A 532 -29.40 6.43 23.76
N GLU A 533 -30.70 6.37 23.46
CA GLU A 533 -31.82 6.49 24.43
C GLU A 533 -31.62 5.54 25.62
N LEU A 534 -31.12 4.33 25.37
CA LEU A 534 -31.13 3.17 26.31
C LEU A 534 -29.92 3.18 27.26
N ILE A 543 -29.29 4.33 27.50
CA ILE A 543 -28.04 4.45 28.32
C ILE A 543 -27.97 5.77 29.10
N THR A 544 -28.34 6.88 28.47
CA THR A 544 -28.38 8.23 29.09
C THR A 544 -28.83 8.15 30.56
N GLU A 545 -29.36 7.00 30.98
CA GLU A 545 -29.78 6.67 32.37
C GLU A 545 -29.56 5.18 32.63
N GLU A 546 -8.06 4.50 40.67
CA GLU A 546 -7.55 3.13 40.89
C GLU A 546 -6.25 2.94 40.08
N GLU A 547 -5.19 2.50 40.77
CA GLU A 547 -3.84 2.28 40.18
C GLU A 547 -3.85 0.98 39.37
N LEU A 551 -4.77 0.07 39.70
CA LEU A 551 -5.02 -1.22 38.98
C LEU A 551 -5.42 -0.92 37.53
N ARG A 552 -6.48 -0.15 37.32
CA ARG A 552 -6.91 0.35 35.99
C ARG A 552 -5.68 0.81 35.19
N GLU A 553 -4.91 1.75 35.76
CA GLU A 553 -3.78 2.43 35.08
C GLU A 553 -2.70 1.40 34.71
N ILE A 554 -2.47 0.39 35.57
CA ILE A 554 -1.39 -0.63 35.41
C ILE A 554 -1.90 -1.81 34.57
N LEU A 555 -3.02 -1.63 33.85
CA LEU A 555 -3.47 -2.52 32.74
C LEU A 555 -3.98 -1.65 31.58
N GLU A 556 -3.36 -0.48 31.38
CA GLU A 556 -3.53 0.40 30.19
C GLU A 556 -2.16 0.96 29.80
N ARG A 557 -1.20 0.07 29.48
CA ARG A 557 0.11 0.42 28.89
C ARG A 557 0.78 -0.84 28.33
N GLU A 562 -4.43 -9.05 26.11
CA GLU A 562 -4.68 -10.29 26.92
C GLU A 562 -4.77 -9.92 28.41
N LEU A 563 -5.99 -9.85 28.96
CA LEU A 563 -6.25 -9.60 30.40
C LEU A 563 -7.22 -10.64 30.95
N TYR A 564 -6.93 -11.14 32.15
CA TYR A 564 -7.82 -12.02 32.97
C TYR A 564 -9.21 -11.36 33.07
N GLU A 565 -10.23 -12.15 33.40
CA GLU A 565 -11.64 -11.72 33.37
C GLU A 565 -11.91 -10.71 34.49
N HIS A 566 -11.08 -10.66 35.54
CA HIS A 566 -11.23 -9.68 36.65
C HIS A 566 -10.71 -8.30 36.18
N GLU A 567 -9.59 -8.26 35.45
CA GLU A 567 -9.06 -7.03 34.80
C GLU A 567 -10.11 -6.49 33.79
N LYS A 568 -10.82 -7.39 33.10
CA LYS A 568 -11.87 -7.05 32.10
C LYS A 568 -13.09 -6.39 32.78
N ASP A 569 -13.58 -6.95 33.89
CA ASP A 569 -14.76 -6.40 34.62
C ASP A 569 -14.40 -5.00 35.17
N LEU A 570 -13.20 -4.83 35.72
CA LEU A 570 -12.72 -3.51 36.23
C LEU A 570 -12.78 -2.46 35.10
N VAL A 571 -12.22 -2.79 33.93
CA VAL A 571 -12.19 -1.89 32.74
C VAL A 571 -13.62 -1.57 32.29
N TRP A 572 -14.52 -2.56 32.29
CA TRP A 572 -15.93 -2.32 31.87
C TRP A 572 -16.65 -1.45 32.90
N LYS A 573 -16.44 -1.75 34.19
CA LYS A 573 -17.05 -1.01 35.34
C LYS A 573 -16.68 0.47 35.24
N MET A 574 -15.40 0.77 35.07
CA MET A 574 -14.87 2.16 35.02
C MET A 574 -14.89 2.73 33.58
N ARG A 575 -15.77 2.23 32.70
CA ARG A 575 -15.84 2.67 31.27
C ARG A 575 -15.91 4.20 31.18
N HIS A 576 -16.49 4.88 32.16
CA HIS A 576 -16.67 6.36 32.17
C HIS A 576 -15.33 7.05 32.42
N GLU A 577 -14.55 6.51 33.36
CA GLU A 577 -13.20 7.01 33.72
C GLU A 577 -12.26 6.80 32.51
N VAL A 578 -12.44 5.67 31.82
CA VAL A 578 -11.78 5.32 30.52
C VAL A 578 -11.98 6.48 29.53
N GLN A 579 -13.24 6.86 29.28
CA GLN A 579 -13.63 7.92 28.31
C GLN A 579 -13.15 9.30 28.78
N GLU A 580 -13.17 9.55 30.08
CA GLU A 580 -12.92 10.90 30.68
C GLU A 580 -11.41 11.17 30.75
N HIS A 581 -10.61 10.19 31.18
CA HIS A 581 -9.18 10.40 31.53
C HIS A 581 -8.23 9.47 30.76
N PHE A 582 -8.74 8.50 30.00
CA PHE A 582 -7.91 7.54 29.21
C PHE A 582 -8.53 7.27 27.84
N PRO A 583 -8.93 8.31 27.06
CA PRO A 583 -9.64 8.08 25.80
C PRO A 583 -8.82 7.32 24.71
N GLU A 584 -7.51 7.15 24.89
CA GLU A 584 -6.64 6.42 23.92
C GLU A 584 -6.61 4.92 24.23
N ALA A 585 -7.28 4.49 25.31
CA ALA A 585 -7.45 3.05 25.64
C ALA A 585 -8.86 2.55 25.23
N LEU A 586 -9.61 3.33 24.43
CA LEU A 586 -10.88 2.91 23.75
C LEU A 586 -10.75 1.47 23.25
N ALA A 587 -9.80 1.21 22.34
CA ALA A 587 -9.55 -0.14 21.76
C ALA A 587 -9.66 -1.22 22.85
N ARG A 588 -8.98 -1.05 23.97
CA ARG A 588 -8.95 -2.05 25.07
C ARG A 588 -10.35 -2.19 25.68
N LEU A 589 -11.08 -1.10 25.85
CA LEU A 589 -12.49 -1.10 26.33
C LEU A 589 -13.34 -1.90 25.34
N LEU A 590 -13.35 -1.51 24.07
CA LEU A 590 -14.05 -2.22 22.95
C LEU A 590 -13.81 -3.74 23.02
N LEU A 591 -12.61 -4.19 23.44
CA LEU A 591 -12.22 -5.62 23.43
C LEU A 591 -12.67 -6.32 24.73
N VAL A 592 -13.14 -5.59 25.74
CA VAL A 592 -13.74 -6.18 26.98
C VAL A 592 -15.28 -6.04 26.94
N THR A 593 -15.86 -5.25 26.03
CA THR A 593 -17.34 -5.14 25.88
C THR A 593 -17.87 -6.43 25.26
N LYS A 594 -18.97 -6.97 25.83
CA LYS A 594 -19.69 -8.18 25.36
C LYS A 594 -20.65 -7.77 24.24
N TRP A 595 -20.31 -8.06 22.98
CA TRP A 595 -21.11 -7.64 21.80
C TRP A 595 -22.32 -8.57 21.62
N ASN A 596 -22.42 -9.66 22.40
CA ASN A 596 -23.57 -10.62 22.37
C ASN A 596 -24.62 -10.25 23.42
N LYS A 597 -24.58 -9.03 23.96
CA LYS A 597 -25.59 -8.47 24.90
C LYS A 597 -25.89 -7.02 24.52
N HIS A 598 -27.07 -6.77 23.94
CA HIS A 598 -27.46 -5.49 23.29
C HIS A 598 -27.44 -4.33 24.30
N GLU A 599 -27.61 -4.62 25.60
CA GLU A 599 -27.63 -3.60 26.67
C GLU A 599 -26.21 -3.05 26.81
N ASP A 600 -25.22 -3.95 26.91
CA ASP A 600 -23.78 -3.64 27.00
C ASP A 600 -23.32 -2.88 25.74
N VAL A 601 -23.69 -3.35 24.55
CA VAL A 601 -23.32 -2.68 23.27
C VAL A 601 -23.82 -1.23 23.32
N ALA A 602 -25.10 -1.03 23.63
CA ALA A 602 -25.75 0.31 23.70
C ALA A 602 -24.91 1.21 24.62
N GLN A 603 -24.40 0.67 25.73
CA GLN A 603 -23.62 1.42 26.75
C GLN A 603 -22.25 1.80 26.16
N MET A 604 -21.70 1.00 25.23
CA MET A 604 -20.45 1.32 24.51
C MET A 604 -20.69 2.49 23.56
N LEU A 605 -21.75 2.41 22.76
CA LEU A 605 -22.08 3.41 21.71
C LEU A 605 -22.46 4.76 22.33
N TYR A 606 -23.11 4.77 23.51
CA TYR A 606 -23.39 6.00 24.28
C TYR A 606 -22.08 6.77 24.47
N LEU A 607 -21.08 6.11 25.08
CA LEU A 607 -19.71 6.65 25.26
C LEU A 607 -19.11 7.02 23.90
N LEU A 608 -19.09 6.06 22.94
CA LEU A 608 -18.35 6.18 21.65
C LEU A 608 -18.79 7.45 20.92
N CYS A 609 -20.08 7.74 20.95
CA CYS A 609 -20.69 8.87 20.21
C CYS A 609 -20.29 10.21 20.82
N SER A 610 -19.84 10.22 22.09
CA SER A 610 -19.31 11.43 22.76
C SER A 610 -17.78 11.35 22.92
N TRP A 611 -17.15 10.31 22.35
CA TRP A 611 -15.70 10.02 22.49
C TRP A 611 -14.92 11.05 21.70
N PRO A 612 -13.85 11.66 22.28
CA PRO A 612 -13.02 12.60 21.53
C PRO A 612 -12.23 11.86 20.43
N GLU A 613 -11.97 12.54 19.31
CA GLU A 613 -11.08 12.06 18.22
C GLU A 613 -9.75 11.55 18.81
N LEU A 614 -9.21 10.48 18.24
CA LEU A 614 -7.90 9.90 18.68
C LEU A 614 -6.83 10.26 17.66
N PRO A 615 -5.53 10.16 18.05
CA PRO A 615 -4.43 10.22 17.07
C PRO A 615 -4.59 9.20 15.93
N VAL A 616 -4.10 9.56 14.73
CA VAL A 616 -3.95 8.65 13.54
C VAL A 616 -3.53 7.25 13.99
N LEU A 617 -2.51 7.14 14.84
CA LEU A 617 -1.95 5.82 15.25
C LEU A 617 -3.05 4.97 15.88
N SER A 618 -3.95 5.60 16.63
CA SER A 618 -5.04 4.93 17.39
C SER A 618 -6.16 4.51 16.43
N ALA A 619 -6.46 5.37 15.45
CA ALA A 619 -7.48 5.14 14.40
C ALA A 619 -7.10 3.99 13.46
N LEU A 620 -5.79 3.74 13.22
CA LEU A 620 -5.27 2.66 12.32
C LEU A 620 -5.45 1.30 12.99
N GLU A 621 -5.29 1.23 14.31
CA GLU A 621 -5.61 0.05 15.16
C GLU A 621 -7.09 -0.29 15.01
N LEU A 622 -7.95 0.74 15.08
CA LEU A 622 -9.43 0.58 15.11
C LEU A 622 -9.98 0.10 13.76
N LEU A 623 -9.22 0.25 12.66
CA LEU A 623 -9.59 -0.27 11.32
C LEU A 623 -9.41 -1.79 11.26
N ASP A 624 -8.71 -2.38 12.23
CA ASP A 624 -8.44 -3.84 12.28
C ASP A 624 -9.77 -4.61 12.29
N PHE A 625 -9.77 -5.86 11.83
CA PHE A 625 -10.99 -6.72 11.80
C PHE A 625 -11.51 -6.97 13.23
N SER A 626 -10.63 -6.86 14.25
CA SER A 626 -10.97 -7.03 15.69
C SER A 626 -12.05 -6.04 16.14
N PHE A 627 -12.27 -4.96 15.38
CA PHE A 627 -13.25 -3.88 15.69
C PHE A 627 -14.30 -3.80 14.59
N PRO A 628 -15.11 -4.87 14.38
CA PRO A 628 -16.05 -4.94 13.27
C PRO A 628 -17.24 -3.96 13.23
N ASP A 629 -17.70 -3.49 14.40
CA ASP A 629 -18.92 -2.64 14.52
C ASP A 629 -18.79 -1.41 13.62
N CYS A 630 -19.90 -0.99 12.99
CA CYS A 630 -19.98 0.08 11.97
C CYS A 630 -19.82 1.48 12.56
N TYR A 631 -20.18 1.72 13.84
CA TYR A 631 -19.99 3.03 14.51
C TYR A 631 -18.53 3.19 14.92
N VAL A 632 -17.89 2.08 15.31
CA VAL A 632 -16.43 2.03 15.55
C VAL A 632 -15.69 2.35 14.23
N GLY A 633 -16.12 1.77 13.11
CA GLY A 633 -15.61 2.06 11.75
C GLY A 633 -15.72 3.53 11.39
N SER A 634 -16.95 4.05 11.38
CA SER A 634 -17.27 5.49 11.21
C SER A 634 -16.35 6.36 12.09
N PHE A 635 -16.16 5.98 13.36
CA PHE A 635 -15.33 6.70 14.38
C PHE A 635 -13.86 6.69 13.91
N ALA A 636 -13.35 5.52 13.51
CA ALA A 636 -11.97 5.30 13.02
C ALA A 636 -11.66 6.23 11.84
N ILE A 637 -12.58 6.34 10.87
CA ILE A 637 -12.40 7.14 9.62
C ILE A 637 -12.42 8.63 9.99
N LYS A 638 -13.26 9.01 10.96
CA LYS A 638 -13.43 10.40 11.43
C LYS A 638 -12.10 10.89 12.02
N SER A 639 -11.41 10.04 12.77
CA SER A 639 -10.08 10.29 13.39
C SER A 639 -8.97 10.30 12.33
N LEU A 640 -9.21 9.66 11.19
CA LEU A 640 -8.21 9.52 10.08
C LEU A 640 -8.33 10.68 9.10
N ARG A 641 -9.36 11.52 9.22
CA ARG A 641 -9.63 12.65 8.29
C ARG A 641 -8.52 13.71 8.38
N LYS A 642 -7.69 13.66 9.43
CA LYS A 642 -6.53 14.57 9.63
C LYS A 642 -5.24 13.93 9.12
N LEU A 643 -5.28 12.69 8.61
CA LEU A 643 -4.23 12.10 7.74
C LEU A 643 -3.85 13.15 6.70
N THR A 644 -2.58 13.54 6.62
CA THR A 644 -2.03 14.33 5.49
C THR A 644 -2.13 13.47 4.24
N ASP A 645 -2.13 14.09 3.06
CA ASP A 645 -2.04 13.40 1.74
C ASP A 645 -0.80 12.50 1.72
N ASP A 646 0.33 12.95 2.29
CA ASP A 646 1.61 12.20 2.34
C ASP A 646 1.49 10.97 3.26
N GLU A 647 0.84 11.11 4.42
CA GLU A 647 0.60 9.95 5.33
C GLU A 647 -0.33 8.93 4.66
N LEU A 648 -1.40 9.41 3.99
CA LEU A 648 -2.42 8.56 3.31
C LEU A 648 -1.75 7.78 2.17
N PHE A 649 -0.90 8.45 1.38
CA PHE A 649 -0.07 7.79 0.35
C PHE A 649 0.72 6.67 1.03
N GLN A 650 1.36 6.97 2.16
CA GLN A 650 2.24 6.02 2.90
C GLN A 650 1.45 4.78 3.37
N TYR A 651 0.20 4.94 3.79
CA TYR A 651 -0.60 3.83 4.37
C TYR A 651 -1.62 3.31 3.33
N LEU A 652 -1.53 3.76 2.08
CA LEU A 652 -2.62 3.53 1.09
C LEU A 652 -2.75 2.02 0.83
N LEU A 653 -1.62 1.30 0.72
CA LEU A 653 -1.62 -0.16 0.46
C LEU A 653 -2.48 -0.83 1.53
N GLN A 654 -2.31 -0.47 2.81
CA GLN A 654 -3.02 -1.18 3.93
C GLN A 654 -4.51 -0.77 3.92
N LEU A 655 -4.85 0.45 3.48
CA LEU A 655 -6.24 0.98 3.52
C LEU A 655 -7.09 0.33 2.41
N VAL A 656 -6.46 -0.08 1.31
CA VAL A 656 -7.12 -0.85 0.21
C VAL A 656 -7.35 -2.28 0.70
N GLN A 657 -6.34 -2.92 1.30
CA GLN A 657 -6.45 -4.32 1.77
C GLN A 657 -7.54 -4.41 2.84
N VAL A 658 -7.68 -3.42 3.71
CA VAL A 658 -8.73 -3.35 4.78
C VAL A 658 -10.12 -3.53 4.16
N LEU A 659 -10.34 -2.98 2.95
CA LEU A 659 -11.62 -3.06 2.18
C LEU A 659 -12.08 -4.51 2.04
N LYS A 660 -11.16 -5.48 2.10
CA LYS A 660 -11.43 -6.93 1.95
C LYS A 660 -12.16 -7.45 3.20
N TYR A 661 -11.96 -6.81 4.35
CA TYR A 661 -12.66 -7.11 5.64
C TYR A 661 -14.05 -6.48 5.69
N GLU A 662 -14.36 -5.49 4.83
CA GLU A 662 -15.63 -4.71 4.90
C GLU A 662 -16.80 -5.62 4.54
N SER A 663 -17.98 -5.30 5.07
CA SER A 663 -19.17 -6.17 5.10
C SER A 663 -20.17 -5.77 4.01
N TYR A 664 -20.17 -4.48 3.64
CA TYR A 664 -21.10 -3.89 2.64
C TYR A 664 -20.30 -3.04 1.66
N LEU A 665 -20.90 -2.73 0.52
CA LEU A 665 -20.28 -1.96 -0.60
C LEU A 665 -20.16 -0.50 -0.20
N ASP A 666 -21.28 0.17 0.08
CA ASP A 666 -21.35 1.57 0.55
C ASP A 666 -20.85 1.62 2.01
N CYS A 667 -19.68 2.23 2.24
CA CYS A 667 -18.98 2.23 3.54
C CYS A 667 -18.14 3.51 3.68
N GLU A 668 -17.78 3.86 4.91
CA GLU A 668 -17.11 5.15 5.23
C GLU A 668 -15.68 5.15 4.66
N LEU A 669 -15.01 4.00 4.65
CA LEU A 669 -13.63 3.86 4.12
C LEU A 669 -13.65 4.08 2.60
N THR A 670 -14.59 3.47 1.88
CA THR A 670 -14.72 3.67 0.41
C THR A 670 -14.96 5.16 0.12
N LYS A 671 -15.92 5.79 0.81
CA LYS A 671 -16.28 7.22 0.61
C LYS A 671 -15.06 8.12 0.89
N PHE A 672 -14.39 7.85 2.01
CA PHE A 672 -13.12 8.51 2.42
C PHE A 672 -12.06 8.38 1.30
N LEU A 673 -11.73 7.17 0.85
CA LEU A 673 -10.66 6.99 -0.17
C LEU A 673 -11.05 7.75 -1.43
N LEU A 674 -12.27 7.53 -1.90
CA LEU A 674 -12.86 8.15 -3.10
C LEU A 674 -12.71 9.67 -3.01
N GLY A 675 -13.10 10.27 -1.87
CA GLY A 675 -12.97 11.71 -1.59
C GLY A 675 -11.53 12.18 -1.63
N ARG A 676 -10.63 11.49 -0.91
CA ARG A 676 -9.17 11.85 -0.88
C ARG A 676 -8.60 11.69 -2.30
N ALA A 677 -9.08 10.68 -3.04
CA ALA A 677 -8.65 10.37 -4.43
C ALA A 677 -9.05 11.50 -5.39
N LEU A 678 -10.23 12.10 -5.19
CA LEU A 678 -10.77 13.16 -6.10
C LEU A 678 -10.22 14.52 -5.69
N ALA A 679 -9.78 14.65 -4.44
CA ALA A 679 -9.19 15.88 -3.89
C ALA A 679 -7.68 15.96 -4.21
N ASN A 680 -7.05 14.86 -4.65
CA ASN A 680 -5.57 14.76 -4.89
C ASN A 680 -5.29 13.77 -6.04
N ARG A 681 -4.90 14.28 -7.22
CA ARG A 681 -4.74 13.44 -8.44
C ARG A 681 -3.69 12.33 -8.22
N LYS A 682 -2.65 12.57 -7.41
CA LYS A 682 -1.65 11.51 -7.08
C LYS A 682 -2.30 10.39 -6.26
N ILE A 683 -3.20 10.72 -5.33
CA ILE A 683 -3.92 9.71 -4.50
C ILE A 683 -4.85 8.93 -5.43
N GLY A 684 -5.56 9.63 -6.33
CA GLY A 684 -6.40 9.04 -7.38
C GLY A 684 -5.61 8.06 -8.24
N HIS A 685 -4.40 8.44 -8.65
CA HIS A 685 -3.48 7.61 -9.48
C HIS A 685 -3.22 6.27 -8.78
N PHE A 686 -2.80 6.33 -7.51
CA PHE A 686 -2.34 5.13 -6.73
C PHE A 686 -3.55 4.33 -6.21
N LEU A 687 -4.66 4.96 -5.81
CA LEU A 687 -5.92 4.22 -5.45
C LEU A 687 -6.31 3.32 -6.63
N PHE A 688 -6.44 3.94 -7.82
CA PHE A 688 -6.71 3.26 -9.10
C PHE A 688 -5.85 1.99 -9.26
N TRP A 689 -4.52 2.11 -9.22
CA TRP A 689 -3.60 0.98 -9.50
C TRP A 689 -3.65 -0.10 -8.42
N HIS A 690 -3.82 0.25 -7.14
CA HIS A 690 -4.06 -0.74 -6.06
C HIS A 690 -5.32 -1.57 -6.38
N LEU A 691 -6.41 -0.92 -6.78
CA LEU A 691 -7.71 -1.59 -7.09
C LEU A 691 -7.57 -2.42 -8.37
N ARG A 692 -7.02 -1.82 -9.44
CA ARG A 692 -6.87 -2.45 -10.79
C ARG A 692 -6.02 -3.72 -10.73
N SER A 693 -5.02 -3.76 -9.84
CA SER A 693 -4.02 -4.86 -9.74
C SER A 693 -4.60 -6.12 -9.08
N GLU A 694 -5.80 -6.04 -8.49
CA GLU A 694 -6.50 -7.23 -7.92
C GLU A 694 -7.85 -7.48 -8.62
N MET A 695 -8.06 -7.00 -9.84
CA MET A 695 -9.32 -7.27 -10.61
C MET A 695 -9.37 -8.75 -11.06
N HIS A 696 -8.23 -9.45 -11.12
CA HIS A 696 -8.15 -10.91 -11.41
C HIS A 696 -8.62 -11.72 -10.19
N VAL A 697 -8.73 -11.09 -9.03
CA VAL A 697 -9.08 -11.80 -7.76
C VAL A 697 -10.60 -11.74 -7.61
N PRO A 698 -11.32 -12.87 -7.86
CA PRO A 698 -12.79 -12.85 -7.86
C PRO A 698 -13.46 -12.33 -6.58
N SER A 699 -12.84 -12.45 -5.40
CA SER A 699 -13.43 -11.96 -4.11
C SER A 699 -13.56 -10.43 -4.10
N VAL A 700 -12.73 -9.68 -4.84
CA VAL A 700 -12.70 -8.19 -4.78
C VAL A 700 -13.10 -7.54 -6.10
N ALA A 701 -13.15 -8.29 -7.21
CA ALA A 701 -13.35 -7.73 -8.58
C ALA A 701 -14.57 -6.82 -8.62
N LEU A 702 -15.68 -7.27 -8.04
CA LEU A 702 -16.94 -6.48 -7.94
C LEU A 702 -16.71 -5.23 -7.10
N ARG A 703 -16.19 -5.39 -5.88
CA ARG A 703 -15.97 -4.24 -4.97
C ARG A 703 -15.05 -3.23 -5.68
N PHE A 704 -13.88 -3.70 -6.13
CA PHE A 704 -12.78 -2.89 -6.72
C PHE A 704 -13.25 -2.27 -8.04
N GLY A 705 -13.91 -3.04 -8.90
CA GLY A 705 -14.50 -2.51 -10.16
C GLY A 705 -15.43 -1.36 -9.87
N LEU A 706 -16.35 -1.57 -8.94
CA LEU A 706 -17.35 -0.56 -8.55
C LEU A 706 -16.67 0.72 -8.06
N ILE A 707 -15.61 0.62 -7.24
CA ILE A 707 -14.88 1.83 -6.73
C ILE A 707 -14.22 2.55 -7.92
N MET A 708 -13.66 1.81 -8.88
CA MET A 708 -12.88 2.41 -9.99
C MET A 708 -13.87 3.12 -10.95
N GLU A 709 -15.02 2.51 -11.22
CA GLU A 709 -16.10 3.14 -12.01
C GLU A 709 -16.44 4.51 -11.40
N ALA A 710 -16.79 4.51 -10.11
CA ALA A 710 -17.17 5.74 -9.37
C ALA A 710 -16.06 6.79 -9.52
N TYR A 711 -14.81 6.40 -9.30
CA TYR A 711 -13.66 7.32 -9.47
C TYR A 711 -13.64 7.91 -10.88
N CYS A 712 -13.83 7.08 -11.92
CA CYS A 712 -13.78 7.51 -13.34
C CYS A 712 -14.91 8.51 -13.64
N ARG A 713 -16.05 8.41 -12.95
CA ARG A 713 -17.16 9.40 -13.03
C ARG A 713 -16.65 10.75 -12.52
N GLY A 714 -15.72 10.73 -11.55
CA GLY A 714 -15.13 11.91 -10.91
C GLY A 714 -14.11 12.64 -11.78
N SER A 715 -13.42 11.93 -12.69
CA SER A 715 -12.43 12.54 -13.61
C SER A 715 -12.35 11.74 -14.90
N THR A 716 -13.07 12.23 -15.91
CA THR A 716 -13.07 11.72 -17.31
C THR A 716 -11.67 11.91 -17.90
N HIS A 717 -11.05 13.05 -17.62
CA HIS A 717 -9.67 13.33 -18.09
C HIS A 717 -8.71 12.26 -17.54
N HIS A 718 -8.70 12.04 -16.22
CA HIS A 718 -7.74 11.10 -15.57
C HIS A 718 -7.97 9.69 -16.09
N MET A 719 -9.24 9.32 -16.32
CA MET A 719 -9.67 8.01 -16.87
C MET A 719 -8.91 7.74 -18.19
N LYS A 720 -8.80 8.73 -19.08
CA LYS A 720 -8.09 8.62 -20.39
C LYS A 720 -6.57 8.54 -20.21
N VAL A 721 -6.05 9.25 -19.21
CA VAL A 721 -4.60 9.25 -18.86
C VAL A 721 -4.23 7.84 -18.35
N LEU A 722 -5.09 7.22 -17.54
CA LEU A 722 -4.87 5.85 -17.00
C LEU A 722 -5.05 4.82 -18.12
N MET A 723 -5.97 5.07 -19.08
CA MET A 723 -6.22 4.20 -20.26
C MET A 723 -4.94 4.09 -21.11
N LYS A 724 -4.28 5.21 -21.39
CA LYS A 724 -2.94 5.27 -22.04
C LYS A 724 -1.95 4.37 -21.27
N GLN A 725 -1.94 4.46 -19.94
CA GLN A 725 -1.03 3.63 -19.11
C GLN A 725 -1.34 2.15 -19.32
N GLY A 726 -2.64 1.79 -19.33
CA GLY A 726 -3.13 0.43 -19.59
C GLY A 726 -2.73 -0.07 -20.97
N GLU A 727 -2.79 0.78 -22.00
CA GLU A 727 -2.44 0.41 -23.40
C GLU A 727 -0.95 0.04 -23.47
N ALA A 728 -0.10 0.78 -22.78
CA ALA A 728 1.36 0.53 -22.75
C ALA A 728 1.64 -0.80 -22.05
N LEU A 729 0.95 -1.10 -20.94
CA LEU A 729 1.16 -2.31 -20.11
C LEU A 729 0.68 -3.55 -20.85
N SER A 730 -0.39 -3.41 -21.63
CA SER A 730 -0.94 -4.44 -22.54
C SER A 730 0.12 -4.85 -23.56
N LYS A 731 0.77 -3.87 -24.21
CA LYS A 731 1.86 -4.10 -25.19
C LYS A 731 3.07 -4.73 -24.50
N LEU A 732 3.39 -4.28 -23.29
CA LEU A 732 4.53 -4.80 -22.50
C LEU A 732 4.29 -6.28 -22.16
N LYS A 733 3.05 -6.67 -21.90
CA LYS A 733 2.68 -8.08 -21.60
C LYS A 733 2.89 -8.94 -22.86
N ALA A 734 2.46 -8.47 -24.03
CA ALA A 734 2.62 -9.23 -25.30
C ALA A 734 4.12 -9.30 -25.66
N LEU A 735 4.86 -8.21 -25.44
CA LEU A 735 6.33 -8.09 -25.70
C LEU A 735 7.11 -9.04 -24.78
N ASN A 736 6.73 -9.14 -23.50
CA ASN A 736 7.40 -10.01 -22.52
C ASN A 736 7.12 -11.49 -22.81
N ASP A 737 5.90 -11.84 -23.21
CA ASP A 737 5.52 -13.21 -23.68
C ASP A 737 6.37 -13.59 -24.89
N PHE A 738 6.57 -12.67 -25.85
CA PHE A 738 7.42 -12.94 -27.04
C PHE A 738 8.83 -13.27 -26.55
N VAL A 739 9.40 -12.38 -25.73
CA VAL A 739 10.78 -12.49 -25.17
C VAL A 739 10.94 -13.83 -24.42
N LYS A 740 9.98 -14.21 -23.57
CA LYS A 740 9.99 -15.48 -22.81
C LYS A 740 10.08 -16.69 -23.75
N VAL A 741 9.29 -16.72 -24.83
CA VAL A 741 9.33 -17.82 -25.85
C VAL A 741 10.67 -17.75 -26.60
N SER A 742 11.03 -16.59 -27.17
CA SER A 742 12.29 -16.43 -27.94
C SER A 742 13.52 -16.81 -27.09
N SER A 743 13.53 -16.46 -25.81
CA SER A 743 14.63 -16.74 -24.85
C SER A 743 15.01 -18.24 -24.85
N GLN A 744 14.05 -19.13 -25.12
CA GLN A 744 14.21 -20.61 -25.01
C GLN A 744 14.52 -21.27 -26.37
N LYS A 745 14.84 -20.48 -27.40
CA LYS A 745 15.03 -20.95 -28.80
C LYS A 745 16.30 -20.38 -29.42
N THR A 746 16.81 -19.24 -28.93
CA THR A 746 17.89 -18.48 -29.59
C THR A 746 18.73 -17.73 -28.55
N THR A 747 19.83 -17.11 -29.01
CA THR A 747 20.78 -16.33 -28.19
C THR A 747 20.11 -15.01 -27.74
N LYS A 748 20.68 -14.35 -26.73
CA LYS A 748 20.15 -13.07 -26.20
C LYS A 748 20.27 -11.97 -27.25
N PRO A 749 21.43 -11.82 -27.95
CA PRO A 749 21.59 -10.78 -28.96
C PRO A 749 20.51 -10.80 -30.05
N GLN A 750 19.94 -11.98 -30.32
CA GLN A 750 18.87 -12.20 -31.33
C GLN A 750 17.47 -11.93 -30.75
N THR A 751 17.18 -12.37 -29.52
CA THR A 751 15.92 -12.04 -28.81
C THR A 751 15.83 -10.52 -28.65
N LYS A 752 16.94 -9.88 -28.29
CA LYS A 752 17.06 -8.42 -28.04
C LYS A 752 16.73 -7.65 -29.33
N GLU A 753 17.29 -8.07 -30.48
CA GLU A 753 17.05 -7.44 -31.81
C GLU A 753 15.60 -7.65 -32.26
N MET A 754 15.00 -8.81 -32.01
CA MET A 754 13.60 -9.09 -32.42
C MET A 754 12.61 -8.37 -31.48
N MET A 755 13.03 -8.12 -30.24
CA MET A 755 12.29 -7.30 -29.24
C MET A 755 12.21 -5.86 -29.77
N HIS A 756 13.34 -5.36 -30.26
CA HIS A 756 13.46 -4.03 -30.92
C HIS A 756 12.59 -4.00 -32.18
N MET A 757 12.60 -5.05 -33.01
CA MET A 757 11.80 -5.09 -34.26
C MET A 757 10.32 -4.95 -33.90
N CYS A 758 9.88 -5.73 -32.90
CA CYS A 758 8.50 -5.71 -32.35
C CYS A 758 8.16 -4.30 -31.86
N MET A 759 9.08 -3.68 -31.10
CA MET A 759 8.91 -2.34 -30.48
C MET A 759 8.85 -1.27 -31.59
N ARG A 760 9.66 -1.42 -32.65
CA ARG A 760 9.75 -0.42 -33.75
C ARG A 760 8.46 -0.41 -34.59
N GLN A 761 7.57 -1.38 -34.41
CA GLN A 761 6.20 -1.37 -35.01
C GLN A 761 5.41 -0.13 -34.52
N GLU A 762 4.63 0.49 -35.42
CA GLU A 762 3.87 1.75 -35.17
C GLU A 762 2.99 1.60 -33.92
N THR A 763 2.20 0.54 -33.82
CA THR A 763 1.26 0.33 -32.69
C THR A 763 2.03 0.30 -31.36
N TYR A 764 3.25 -0.23 -31.35
CA TYR A 764 4.11 -0.31 -30.14
C TYR A 764 4.72 1.06 -29.84
N MET A 765 5.36 1.70 -30.83
CA MET A 765 6.05 3.00 -30.64
C MET A 765 5.05 3.98 -30.01
N GLU A 766 3.82 3.98 -30.53
CA GLU A 766 2.71 4.88 -30.10
C GLU A 766 2.27 4.55 -28.67
N ALA A 767 1.99 3.27 -28.41
CA ALA A 767 1.42 2.78 -27.15
C ALA A 767 2.45 2.92 -26.02
N LEU A 768 3.74 2.75 -26.31
CA LEU A 768 4.83 2.80 -25.30
C LEU A 768 5.34 4.23 -25.09
N SER A 769 4.87 5.20 -25.89
CA SER A 769 5.37 6.61 -25.88
C SER A 769 4.29 7.54 -25.30
N HIS A 770 4.73 8.60 -24.61
CA HIS A 770 3.92 9.76 -24.20
C HIS A 770 2.89 9.34 -23.16
N LEU A 771 3.35 8.83 -22.03
CA LEU A 771 2.47 8.42 -20.91
C LEU A 771 3.08 8.92 -19.59
N GLN A 772 2.21 9.14 -18.62
CA GLN A 772 2.62 9.32 -17.20
C GLN A 772 3.03 7.95 -16.67
N SER A 773 4.14 7.89 -15.93
CA SER A 773 4.64 6.64 -15.31
C SER A 773 3.61 6.15 -14.31
N PRO A 774 3.11 4.89 -14.41
CA PRO A 774 2.34 4.28 -13.32
C PRO A 774 3.09 4.35 -11.98
N LEU A 775 4.41 4.32 -11.99
CA LEU A 775 5.27 4.41 -10.77
C LEU A 775 5.16 5.79 -10.12
N ASP A 776 4.87 6.83 -10.89
CA ASP A 776 4.88 8.23 -10.37
C ASP A 776 4.26 9.12 -11.44
N PRO A 777 3.00 9.57 -11.25
CA PRO A 777 2.31 10.37 -12.27
C PRO A 777 3.10 11.60 -12.73
N SER A 778 3.99 12.12 -11.88
CA SER A 778 4.75 13.37 -12.15
C SER A 778 6.00 13.08 -13.01
N THR A 779 6.42 11.82 -13.14
CA THR A 779 7.46 11.37 -14.09
C THR A 779 6.79 11.10 -15.44
N LEU A 780 7.29 11.73 -16.50
CA LEU A 780 6.72 11.62 -17.87
C LEU A 780 7.62 10.69 -18.72
N LEU A 781 7.03 9.63 -19.26
CA LEU A 781 7.71 8.66 -20.17
C LEU A 781 7.40 9.10 -21.61
N GLU A 782 8.34 9.83 -22.23
CA GLU A 782 8.15 10.51 -23.54
C GLU A 782 8.57 9.55 -24.66
N GLU A 783 9.75 9.75 -25.27
CA GLU A 783 10.24 8.89 -26.39
C GLU A 783 10.86 7.63 -25.79
N VAL A 784 10.35 6.46 -26.16
CA VAL A 784 10.92 5.15 -25.77
C VAL A 784 12.20 4.99 -26.60
N CYS A 785 13.31 4.67 -25.94
CA CYS A 785 14.56 4.52 -26.53
CA CYS A 785 14.64 4.49 -26.55
C CYS A 785 14.83 3.00 -26.82
N VAL A 786 14.33 2.54 -27.96
CA VAL A 786 14.30 1.10 -28.36
C VAL A 786 15.72 0.53 -28.18
N GLU A 787 16.76 1.22 -28.68
CA GLU A 787 18.12 0.64 -28.82
C GLU A 787 18.63 0.26 -27.42
N GLN A 788 18.20 1.01 -26.42
CA GLN A 788 18.64 0.86 -25.02
C GLN A 788 17.67 -0.05 -24.25
N CYS A 789 16.66 -0.64 -24.91
CA CYS A 789 15.70 -1.56 -24.26
C CYS A 789 16.25 -3.00 -24.32
N THR A 790 16.04 -3.78 -23.28
CA THR A 790 16.54 -5.19 -23.22
C THR A 790 15.61 -5.98 -22.30
N PHE A 791 16.09 -7.11 -21.80
CA PHE A 791 15.42 -7.91 -20.76
C PHE A 791 16.49 -8.41 -19.79
N MET A 792 16.08 -8.73 -18.57
CA MET A 792 16.95 -9.25 -17.49
C MET A 792 16.97 -10.78 -17.54
N ASP A 793 18.09 -11.38 -17.19
CA ASP A 793 18.37 -12.82 -17.38
C ASP A 793 17.63 -13.64 -16.31
N SER A 794 17.13 -12.98 -15.25
CA SER A 794 16.30 -13.61 -14.19
C SER A 794 15.07 -14.30 -14.79
N LYS A 795 14.46 -15.21 -14.02
CA LYS A 795 13.55 -16.30 -14.47
C LYS A 795 12.45 -15.79 -15.41
N MET A 796 11.77 -14.70 -15.05
CA MET A 796 10.57 -14.25 -15.78
C MET A 796 10.96 -13.31 -16.93
N LYS A 797 12.27 -13.12 -17.18
CA LYS A 797 12.75 -12.31 -18.34
C LYS A 797 12.14 -10.90 -18.25
N PRO A 798 12.22 -10.20 -17.10
CA PRO A 798 11.65 -8.86 -16.99
C PRO A 798 12.25 -7.90 -18.03
N LEU A 799 11.40 -7.05 -18.61
CA LEU A 799 11.81 -6.09 -19.66
C LEU A 799 12.42 -4.86 -18.99
N TRP A 800 13.48 -4.34 -19.58
CA TRP A 800 14.19 -3.07 -19.27
C TRP A 800 13.80 -2.03 -20.33
N ILE A 801 13.04 -0.98 -19.98
CA ILE A 801 12.52 0.02 -20.96
C ILE A 801 13.02 1.41 -20.58
N MET A 802 13.86 1.96 -21.46
CA MET A 802 14.50 3.29 -21.36
C MET A 802 13.68 4.30 -22.15
N TYR A 803 13.57 5.50 -21.60
CA TYR A 803 12.90 6.67 -22.21
C TYR A 803 13.88 7.84 -22.25
N SER A 804 13.70 8.75 -23.20
CA SER A 804 14.33 10.11 -23.21
C SER A 804 13.26 11.18 -23.38
N SER A 805 13.57 12.41 -22.95
CA SER A 805 12.74 13.62 -23.16
C SER A 805 13.65 14.84 -23.37
N GLU A 806 13.44 15.56 -24.47
CA GLU A 806 14.17 16.81 -24.82
C GLU A 806 13.90 17.85 -23.73
N GLU A 807 12.62 18.05 -23.39
CA GLU A 807 12.13 19.13 -22.49
C GLU A 807 12.65 18.92 -21.06
N ALA A 808 12.70 17.67 -20.59
CA ALA A 808 13.32 17.28 -19.29
C ALA A 808 14.85 17.32 -19.40
N GLY A 809 15.37 17.32 -20.64
CA GLY A 809 16.82 17.42 -20.94
C GLY A 809 17.52 16.08 -20.72
N SER A 810 18.09 15.86 -19.53
CA SER A 810 18.77 14.62 -19.10
C SER A 810 18.13 14.03 -17.84
N ALA A 811 17.14 14.72 -17.26
CA ALA A 811 16.24 14.19 -16.21
C ALA A 811 15.13 13.36 -16.88
N GLY A 812 15.03 13.44 -18.21
CA GLY A 812 14.11 12.65 -19.04
C GLY A 812 14.60 11.22 -19.23
N ASN A 813 15.88 10.96 -18.93
CA ASN A 813 16.49 9.61 -19.07
C ASN A 813 16.07 8.81 -17.85
N VAL A 814 15.01 8.03 -18.02
CA VAL A 814 14.38 7.26 -16.91
C VAL A 814 14.07 5.88 -17.47
N GLY A 815 14.13 4.88 -16.61
CA GLY A 815 13.87 3.48 -16.97
C GLY A 815 12.80 2.87 -16.09
N ILE A 816 12.12 1.87 -16.65
CA ILE A 816 11.16 1.05 -15.91
C ILE A 816 11.45 -0.40 -16.28
N ILE A 817 11.22 -1.29 -15.33
CA ILE A 817 11.22 -2.75 -15.57
C ILE A 817 9.77 -3.20 -15.49
N PHE A 818 9.30 -3.92 -16.51
CA PHE A 818 8.03 -4.67 -16.54
C PHE A 818 8.32 -6.13 -16.14
N LYS A 819 7.71 -6.60 -15.04
CA LYS A 819 7.92 -7.97 -14.51
C LYS A 819 6.59 -8.74 -14.49
N ASN A 820 6.56 -9.93 -15.07
CA ASN A 820 5.31 -10.71 -15.23
C ASN A 820 5.57 -12.20 -15.01
N GLY A 821 4.72 -12.85 -14.20
CA GLY A 821 4.72 -14.31 -14.00
C GLY A 821 5.04 -14.69 -12.56
N ASP A 822 5.73 -13.82 -11.82
CA ASP A 822 6.02 -14.00 -10.37
C ASP A 822 4.99 -13.22 -9.55
N ASP A 823 4.67 -13.70 -8.35
CA ASP A 823 3.81 -12.98 -7.36
C ASP A 823 4.72 -11.96 -6.66
N LEU A 824 4.35 -10.69 -6.73
CA LEU A 824 5.20 -9.53 -6.32
C LEU A 824 4.77 -8.94 -4.97
N ARG A 825 3.62 -9.36 -4.44
CA ARG A 825 2.89 -8.61 -3.37
C ARG A 825 3.72 -8.55 -2.08
N GLN A 826 4.35 -9.66 -1.71
CA GLN A 826 5.22 -9.74 -0.50
C GLN A 826 6.40 -8.76 -0.66
N ASP A 827 7.06 -8.78 -1.82
CA ASP A 827 8.21 -7.90 -2.12
C ASP A 827 7.71 -6.44 -2.15
N MET A 828 6.50 -6.18 -2.65
CA MET A 828 5.92 -4.81 -2.70
C MET A 828 5.77 -4.28 -1.26
N LEU A 829 5.27 -5.11 -0.34
CA LEU A 829 5.11 -4.75 1.11
C LEU A 829 6.49 -4.55 1.75
N THR A 830 7.44 -5.45 1.49
CA THR A 830 8.85 -5.32 1.94
C THR A 830 9.42 -3.95 1.54
N LEU A 831 9.23 -3.53 0.28
CA LEU A 831 9.81 -2.26 -0.23
C LEU A 831 9.09 -1.06 0.39
N GLN A 832 7.75 -1.10 0.46
CA GLN A 832 6.91 -0.08 1.15
C GLN A 832 7.41 0.14 2.58
N MET A 833 7.67 -0.97 3.30
CA MET A 833 8.07 -0.95 4.73
C MET A 833 9.45 -0.30 4.88
N ILE A 834 10.41 -0.60 4.00
CA ILE A 834 11.75 0.05 3.97
C ILE A 834 11.55 1.55 3.64
N GLN A 835 10.67 1.89 2.70
CA GLN A 835 10.38 3.30 2.30
C GLN A 835 9.89 4.04 3.56
N LEU A 836 9.01 3.43 4.35
CA LEU A 836 8.49 3.96 5.64
C LEU A 836 9.61 4.11 6.69
N MET A 837 10.44 3.09 6.87
CA MET A 837 11.60 3.15 7.79
C MET A 837 12.41 4.42 7.48
N ASP A 838 12.68 4.63 6.19
CA ASP A 838 13.49 5.76 5.69
C ASP A 838 12.83 7.08 6.09
N VAL A 839 11.51 7.17 5.89
CA VAL A 839 10.71 8.38 6.26
C VAL A 839 10.87 8.61 7.76
N LEU A 840 10.70 7.57 8.58
CA LEU A 840 10.78 7.70 10.06
C LEU A 840 12.19 8.11 10.48
N TRP A 841 13.22 7.52 9.88
CA TRP A 841 14.63 7.91 10.12
C TRP A 841 14.82 9.39 9.78
N LYS A 842 14.45 9.81 8.58
CA LYS A 842 14.60 11.22 8.12
C LYS A 842 13.83 12.17 9.06
N GLN A 843 12.68 11.74 9.59
CA GLN A 843 11.86 12.60 10.49
C GLN A 843 12.63 12.89 11.78
N GLU A 844 13.41 11.93 12.31
CA GLU A 844 14.30 12.08 13.49
C GLU A 844 15.68 12.64 13.11
N GLY A 845 15.86 13.15 11.88
CA GLY A 845 17.10 13.79 11.42
C GLY A 845 18.17 12.80 10.97
N LEU A 846 17.83 11.52 10.74
CA LEU A 846 18.78 10.45 10.29
C LEU A 846 18.58 10.14 8.80
N ASP A 847 19.54 10.52 7.95
CA ASP A 847 19.49 10.21 6.50
C ASP A 847 20.48 9.08 6.18
N LEU A 848 19.95 7.85 6.03
CA LEU A 848 20.79 6.62 5.84
C LEU A 848 20.97 6.33 4.34
N ARG A 849 20.73 7.33 3.50
CA ARG A 849 21.02 7.34 2.04
C ARG A 849 20.36 6.11 1.42
N MET A 850 19.07 5.89 1.71
CA MET A 850 18.31 4.73 1.20
C MET A 850 17.92 5.00 -0.27
N THR A 851 17.50 3.95 -0.98
CA THR A 851 17.05 4.02 -2.40
C THR A 851 15.65 3.45 -2.43
N PRO A 852 14.62 4.23 -2.05
CA PRO A 852 13.24 3.75 -2.10
C PRO A 852 12.72 3.88 -3.54
N TYR A 853 13.26 3.10 -4.47
CA TYR A 853 12.84 3.09 -5.90
C TYR A 853 11.37 2.70 -5.97
N GLY A 854 10.65 3.35 -6.90
CA GLY A 854 9.27 3.05 -7.29
C GLY A 854 9.05 1.57 -7.54
N CYS A 855 7.94 1.07 -7.03
CA CYS A 855 7.49 -0.33 -7.25
C CYS A 855 5.97 -0.39 -7.03
N LEU A 856 5.24 -1.00 -7.96
CA LEU A 856 3.76 -0.92 -8.06
C LEU A 856 3.22 -2.18 -8.72
N PRO A 857 2.25 -2.89 -8.10
CA PRO A 857 1.49 -3.92 -8.82
C PRO A 857 0.50 -3.28 -9.80
N THR A 858 0.28 -3.93 -10.95
CA THR A 858 -0.60 -3.37 -12.03
C THR A 858 -1.64 -4.40 -12.47
N GLY A 859 -1.37 -5.68 -12.22
CA GLY A 859 -2.27 -6.77 -12.61
C GLY A 859 -1.80 -8.10 -12.04
N ASP A 860 -2.41 -9.17 -12.54
CA ASP A 860 -2.10 -10.57 -12.17
C ASP A 860 -0.61 -10.85 -12.41
N ARG A 861 0.15 -10.99 -11.32
CA ARG A 861 1.59 -11.34 -11.30
C ARG A 861 2.34 -10.38 -12.22
N THR A 862 1.96 -9.12 -12.14
CA THR A 862 2.49 -8.04 -12.99
C THR A 862 2.74 -6.82 -12.12
N GLY A 863 3.83 -6.11 -12.40
CA GLY A 863 4.21 -4.89 -11.69
C GLY A 863 5.22 -4.11 -12.49
N LEU A 864 5.39 -2.86 -12.11
CA LEU A 864 6.46 -2.00 -12.65
C LEU A 864 7.47 -1.74 -11.54
N ILE A 865 8.70 -1.50 -11.94
CA ILE A 865 9.84 -1.16 -11.05
C ILE A 865 10.48 0.08 -11.65
N GLU A 866 10.81 1.05 -10.81
CA GLU A 866 11.64 2.21 -11.22
C GLU A 866 13.10 1.76 -11.31
N VAL A 867 13.73 1.98 -12.43
CA VAL A 867 15.18 1.69 -12.67
C VAL A 867 16.04 2.69 -11.91
N VAL A 868 16.97 2.19 -11.10
CA VAL A 868 18.07 3.04 -10.59
C VAL A 868 19.25 2.90 -11.57
N LEU A 869 19.53 3.97 -12.30
CA LEU A 869 20.65 4.05 -13.29
C LEU A 869 21.99 4.23 -12.55
N HIS A 870 23.10 4.03 -13.26
CA HIS A 870 24.49 4.27 -12.78
C HIS A 870 24.74 3.39 -11.55
N SER A 871 24.39 2.11 -11.65
CA SER A 871 24.49 1.12 -10.56
C SER A 871 24.81 -0.25 -11.15
N ASP A 872 25.39 -1.16 -10.37
CA ASP A 872 25.71 -2.54 -10.83
C ASP A 872 25.57 -3.51 -9.66
N THR A 873 25.47 -4.81 -9.94
CA THR A 873 25.32 -5.86 -8.89
C THR A 873 26.68 -6.07 -8.21
N ILE A 874 26.64 -6.48 -6.95
CA ILE A 874 27.84 -6.84 -6.14
C ILE A 874 28.51 -8.01 -6.85
N ALA A 875 27.72 -8.97 -7.30
CA ALA A 875 28.16 -10.18 -8.05
C ALA A 875 29.01 -9.73 -9.24
N ASN A 876 28.48 -8.81 -10.05
CA ASN A 876 29.13 -8.33 -11.29
C ASN A 876 30.48 -7.70 -10.96
N ILE A 877 30.51 -6.80 -9.98
CA ILE A 877 31.72 -6.02 -9.57
C ILE A 877 32.74 -6.98 -8.98
N GLN A 878 32.28 -7.97 -8.19
CA GLN A 878 33.15 -8.95 -7.48
C GLN A 878 33.67 -10.02 -8.45
N LEU A 879 33.16 -10.08 -9.69
CA LEU A 879 33.68 -10.98 -10.75
C LEU A 879 35.16 -10.67 -10.95
N ASN A 880 35.54 -9.40 -10.78
CA ASN A 880 36.95 -8.95 -10.82
C ASN A 880 37.52 -9.21 -12.21
N LYS A 881 36.80 -8.77 -13.24
CA LYS A 881 37.21 -8.93 -14.67
C LYS A 881 38.52 -8.17 -14.90
N SER A 882 39.37 -8.68 -15.79
CA SER A 882 40.70 -8.09 -16.11
C SER A 882 40.53 -6.86 -17.02
N ASN A 883 41.54 -6.00 -17.04
CA ASN A 883 41.65 -4.82 -17.95
C ASN A 883 40.50 -3.84 -17.64
N MET A 884 40.20 -3.66 -16.35
CA MET A 884 39.10 -2.79 -15.85
C MET A 884 39.61 -1.94 -14.68
N ALA A 885 39.07 -0.72 -14.53
CA ALA A 885 39.48 0.27 -13.51
C ALA A 885 39.48 -0.35 -12.10
N ALA A 886 38.64 -1.37 -11.87
CA ALA A 886 38.33 -1.90 -10.51
C ALA A 886 39.00 -3.25 -10.25
N THR A 887 39.81 -3.78 -11.17
CA THR A 887 40.52 -5.09 -11.00
C THR A 887 41.52 -4.94 -9.84
N ALA A 888 41.63 -5.96 -8.96
CA ALA A 888 42.23 -5.85 -7.61
C ALA A 888 43.19 -7.02 -7.32
N ALA A 889 44.29 -6.76 -6.61
CA ALA A 889 45.29 -7.76 -6.18
C ALA A 889 44.62 -8.85 -5.35
N PHE A 890 43.59 -8.48 -4.58
CA PHE A 890 42.76 -9.37 -3.73
C PHE A 890 41.29 -9.06 -4.01
N ASN A 891 40.45 -10.09 -4.13
CA ASN A 891 39.01 -9.97 -4.48
C ASN A 891 38.33 -8.97 -3.54
N LYS A 892 38.75 -8.93 -2.26
CA LYS A 892 38.17 -8.08 -1.19
C LYS A 892 38.30 -6.58 -1.50
N ASP A 893 39.15 -6.19 -2.47
CA ASP A 893 39.38 -4.77 -2.85
C ASP A 893 38.59 -4.36 -4.11
N ALA A 894 37.94 -5.31 -4.80
CA ALA A 894 37.17 -5.05 -6.05
C ALA A 894 36.11 -3.97 -5.80
N LEU A 895 35.28 -4.14 -4.76
CA LEU A 895 34.17 -3.22 -4.37
C LEU A 895 34.73 -1.82 -4.10
N LEU A 896 35.87 -1.72 -3.42
CA LEU A 896 36.51 -0.44 -3.03
C LEU A 896 37.19 0.21 -4.25
N ASN A 897 37.85 -0.59 -5.10
CA ASN A 897 38.52 -0.11 -6.35
C ASN A 897 37.47 0.40 -7.34
N TRP A 898 36.33 -0.28 -7.40
CA TRP A 898 35.15 0.18 -8.18
C TRP A 898 34.70 1.55 -7.63
N LEU A 899 34.51 1.65 -6.32
CA LEU A 899 34.13 2.93 -5.67
C LEU A 899 35.16 4.01 -6.03
N LYS A 900 36.46 3.69 -5.91
CA LYS A 900 37.56 4.60 -6.32
C LYS A 900 37.37 5.02 -7.79
N SER A 901 37.07 4.08 -8.69
CA SER A 901 37.00 4.28 -10.16
C SER A 901 35.89 5.30 -10.49
N LYS A 902 34.79 5.25 -9.73
CA LYS A 902 33.59 6.10 -9.92
C LYS A 902 33.73 7.43 -9.16
N ASN A 903 34.70 7.53 -8.23
CA ASN A 903 34.76 8.61 -7.21
C ASN A 903 36.21 9.00 -6.95
N PRO A 904 36.91 9.58 -7.97
CA PRO A 904 38.33 9.89 -7.84
C PRO A 904 38.51 11.14 -6.98
N GLY A 905 39.72 11.35 -6.45
CA GLY A 905 40.03 12.51 -5.58
C GLY A 905 39.25 12.45 -4.29
N GLU A 906 38.63 13.58 -3.90
CA GLU A 906 37.98 13.77 -2.58
C GLU A 906 36.60 13.09 -2.55
N ALA A 907 36.04 12.79 -3.72
CA ALA A 907 34.72 12.12 -3.89
C ALA A 907 34.67 10.78 -3.13
N LEU A 908 35.81 10.12 -2.90
CA LEU A 908 35.87 8.74 -2.37
C LEU A 908 35.31 8.67 -0.95
N ASP A 909 35.64 9.67 -0.12
CA ASP A 909 35.22 9.75 1.30
C ASP A 909 33.69 9.83 1.37
N ARG A 910 33.07 10.62 0.48
CA ARG A 910 31.58 10.78 0.43
C ARG A 910 30.95 9.44 0.03
N ALA A 911 31.48 8.76 -0.99
CA ALA A 911 30.98 7.45 -1.47
C ALA A 911 31.07 6.41 -0.36
N ILE A 912 32.19 6.33 0.35
CA ILE A 912 32.39 5.32 1.43
C ILE A 912 31.38 5.61 2.55
N GLU A 913 31.13 6.89 2.85
CA GLU A 913 30.09 7.34 3.82
C GLU A 913 28.69 6.89 3.34
N GLU A 914 28.36 7.13 2.05
CA GLU A 914 27.07 6.73 1.41
C GLU A 914 26.88 5.21 1.53
N PHE A 915 27.96 4.44 1.32
CA PHE A 915 27.95 2.96 1.42
C PHE A 915 27.65 2.54 2.86
N THR A 916 28.34 3.19 3.82
CA THR A 916 28.25 2.91 5.28
C THR A 916 26.85 3.19 5.78
N LEU A 917 26.32 4.40 5.51
CA LEU A 917 24.96 4.81 5.97
C LEU A 917 23.94 3.82 5.39
N SER A 918 24.00 3.59 4.07
CA SER A 918 23.01 2.76 3.34
C SER A 918 23.10 1.33 3.85
N CYS A 919 24.33 0.82 3.99
CA CYS A 919 24.59 -0.51 4.60
C CYS A 919 23.94 -0.58 5.99
N ALA A 920 24.12 0.44 6.84
CA ALA A 920 23.45 0.50 8.16
C ALA A 920 21.93 0.39 7.97
N GLY A 921 21.37 1.20 7.07
CA GLY A 921 19.93 1.20 6.71
C GLY A 921 19.41 -0.17 6.35
N TYR A 922 20.05 -0.83 5.38
CA TYR A 922 19.54 -2.12 4.82
C TYR A 922 19.80 -3.24 5.83
N CYS A 923 20.93 -3.20 6.57
CA CYS A 923 21.22 -4.17 7.67
C CYS A 923 20.07 -4.20 8.69
N VAL A 924 19.63 -3.01 9.15
CA VAL A 924 18.57 -2.85 10.18
C VAL A 924 17.21 -3.23 9.56
N ALA A 925 16.96 -2.80 8.33
CA ALA A 925 15.67 -3.06 7.63
C ALA A 925 15.47 -4.58 7.54
N THR A 926 16.46 -5.29 6.99
CA THR A 926 16.42 -6.75 6.68
C THR A 926 16.34 -7.52 8.01
N TYR A 927 17.04 -7.08 9.05
CA TYR A 927 16.96 -7.67 10.42
C TYR A 927 15.54 -7.56 10.97
N VAL A 928 14.94 -6.37 10.91
CA VAL A 928 13.59 -6.10 11.50
C VAL A 928 12.54 -6.95 10.77
N LEU A 929 12.63 -7.06 9.43
CA LEU A 929 11.57 -7.69 8.59
C LEU A 929 11.85 -9.18 8.46
N GLY A 930 13.02 -9.64 8.93
CA GLY A 930 13.35 -11.07 9.06
C GLY A 930 13.78 -11.62 7.73
N ILE A 931 14.77 -10.99 7.09
CA ILE A 931 15.29 -11.35 5.75
C ILE A 931 16.80 -11.62 5.89
N GLY A 932 17.17 -12.90 5.87
CA GLY A 932 18.57 -13.37 5.82
C GLY A 932 18.94 -13.81 4.41
N ASP A 933 19.95 -14.69 4.28
CA ASP A 933 20.34 -15.36 3.02
C ASP A 933 20.52 -14.32 1.91
N ARG A 934 21.73 -13.79 1.76
CA ARG A 934 22.02 -12.55 0.99
C ARG A 934 23.10 -12.83 -0.06
N HIS A 935 22.67 -13.11 -1.29
CA HIS A 935 23.54 -13.42 -2.45
C HIS A 935 23.84 -12.13 -3.23
N SER A 936 25.07 -11.98 -3.71
CA SER A 936 25.60 -10.76 -4.38
C SER A 936 24.80 -10.40 -5.64
N ASP A 937 23.85 -11.25 -6.06
CA ASP A 937 22.89 -10.99 -7.17
C ASP A 937 21.77 -10.06 -6.70
N ASN A 938 21.41 -10.11 -5.42
CA ASN A 938 20.23 -9.40 -4.84
C ASN A 938 20.62 -8.00 -4.37
N ILE A 939 21.92 -7.67 -4.36
CA ILE A 939 22.47 -6.39 -3.81
C ILE A 939 23.10 -5.59 -4.94
N MET A 940 22.67 -4.34 -5.07
CA MET A 940 23.19 -3.38 -6.07
C MET A 940 23.97 -2.30 -5.35
N ILE A 941 24.86 -1.63 -6.08
CA ILE A 941 25.59 -0.44 -5.60
C ILE A 941 25.50 0.63 -6.69
N ARG A 942 25.12 1.84 -6.28
CA ARG A 942 25.16 3.05 -7.12
C ARG A 942 26.58 3.62 -7.13
N GLU A 943 26.93 4.34 -8.19
CA GLU A 943 28.27 4.94 -8.34
C GLU A 943 28.47 5.99 -7.24
N SER A 944 27.39 6.46 -6.59
CA SER A 944 27.44 7.36 -5.41
C SER A 944 28.00 6.62 -4.19
N GLY A 945 27.98 5.29 -4.24
CA GLY A 945 28.39 4.42 -3.13
C GLY A 945 27.21 3.75 -2.46
N GLN A 946 25.97 4.16 -2.81
CA GLN A 946 24.75 3.71 -2.08
C GLN A 946 24.44 2.26 -2.44
N LEU A 947 24.06 1.50 -1.44
CA LEU A 947 23.70 0.06 -1.55
C LEU A 947 22.18 -0.07 -1.42
N PHE A 948 21.54 -0.91 -2.23
CA PHE A 948 20.10 -1.26 -2.12
C PHE A 948 19.88 -2.71 -2.53
N HIS A 949 18.73 -3.29 -2.16
CA HIS A 949 18.34 -4.70 -2.43
C HIS A 949 17.33 -4.77 -3.59
N ILE A 950 17.54 -5.67 -4.54
CA ILE A 950 16.60 -5.90 -5.70
C ILE A 950 15.98 -7.30 -5.59
N ASP A 951 16.25 -8.05 -4.52
CA ASP A 951 15.51 -9.30 -4.20
C ASP A 951 15.59 -9.59 -2.69
N PHE A 952 14.56 -10.26 -2.16
CA PHE A 952 14.42 -10.64 -0.72
C PHE A 952 14.34 -12.18 -0.70
N GLY A 953 13.27 -12.84 -0.21
CA GLY A 953 12.26 -12.35 0.71
C GLY A 953 10.97 -13.19 0.59
N HIS A 954 10.78 -14.26 1.39
CA HIS A 954 11.64 -14.74 2.48
C HIS A 954 11.72 -13.72 3.62
N PHE A 955 10.58 -13.42 4.27
CA PHE A 955 10.48 -12.38 5.34
C PHE A 955 9.63 -12.91 6.50
N LEU A 956 9.65 -12.17 7.62
CA LEU A 956 9.12 -12.57 8.95
C LEU A 956 9.55 -13.99 9.31
N GLY A 957 10.80 -14.36 8.98
CA GLY A 957 11.45 -15.62 9.38
C GLY A 957 10.79 -16.85 8.77
N ASN A 958 9.97 -16.68 7.73
CA ASN A 958 9.39 -17.79 6.95
C ASN A 958 10.45 -18.26 5.96
N PHE A 959 10.57 -19.59 5.76
CA PHE A 959 11.68 -20.24 5.02
C PHE A 959 11.11 -21.30 4.07
N ARG A 969 14.15 -17.82 12.87
CA ARG A 969 14.70 -16.58 13.48
C ARG A 969 16.00 -16.18 12.77
N VAL A 970 15.91 -15.25 11.80
CA VAL A 970 17.06 -14.84 10.94
C VAL A 970 17.93 -13.89 11.74
N PRO A 971 19.28 -14.08 11.76
CA PRO A 971 20.14 -13.21 12.54
C PRO A 971 20.29 -11.83 11.90
N PHE A 972 20.98 -10.92 12.61
CA PHE A 972 21.64 -9.72 12.03
C PHE A 972 22.77 -10.20 11.13
N ILE A 973 22.89 -9.62 9.93
CA ILE A 973 23.91 -10.03 8.91
C ILE A 973 24.87 -8.86 8.70
N LEU A 974 26.16 -9.09 8.93
CA LEU A 974 27.28 -8.23 8.44
C LEU A 974 28.10 -9.04 7.44
N THR A 975 28.66 -8.35 6.44
CA THR A 975 29.32 -8.93 5.26
C THR A 975 30.77 -8.41 5.25
N TYR A 976 31.75 -9.31 5.40
CA TYR A 976 33.19 -9.00 5.47
C TYR A 976 33.58 -7.98 4.39
N ASP A 977 33.13 -8.23 3.16
CA ASP A 977 33.52 -7.42 1.96
C ASP A 977 32.89 -6.02 2.12
N PHE A 978 31.74 -5.94 2.79
CA PHE A 978 31.03 -4.68 3.11
C PHE A 978 31.67 -4.00 4.33
N VAL A 979 31.88 -4.76 5.41
CA VAL A 979 32.63 -4.30 6.62
C VAL A 979 34.01 -3.77 6.19
N HIS A 980 34.55 -4.27 5.09
CA HIS A 980 35.89 -3.90 4.54
C HIS A 980 35.85 -2.53 3.89
N VAL A 981 34.81 -2.22 3.10
CA VAL A 981 34.65 -0.90 2.42
C VAL A 981 34.41 0.19 3.48
N ILE A 982 33.66 -0.16 4.51
CA ILE A 982 33.32 0.70 5.68
C ILE A 982 34.62 1.07 6.44
N GLN A 983 35.56 0.12 6.56
CA GLN A 983 36.87 0.34 7.21
C GLN A 983 37.88 0.96 6.23
N GLN A 984 37.42 1.51 5.09
CA GLN A 984 38.25 2.27 4.12
C GLN A 984 39.34 1.37 3.54
N GLY A 985 39.07 0.05 3.44
CA GLY A 985 40.00 -0.96 2.92
C GLY A 985 40.88 -1.56 4.00
N LYS A 986 40.86 -1.00 5.21
CA LYS A 986 41.83 -1.31 6.30
C LYS A 986 41.37 -2.57 7.04
N THR A 987 42.30 -3.31 7.63
CA THR A 987 42.04 -4.56 8.37
C THR A 987 41.41 -4.23 9.72
N ASN A 988 41.95 -3.22 10.41
CA ASN A 988 41.46 -2.75 11.73
C ASN A 988 41.15 -1.25 11.62
N ASN A 989 39.91 -0.86 11.94
CA ASN A 989 39.45 0.55 11.81
C ASN A 989 38.24 0.76 12.70
N SER A 990 38.41 0.54 14.00
CA SER A 990 37.42 0.71 15.10
C SER A 990 36.65 2.03 14.93
N GLU A 991 37.34 3.11 14.56
CA GLU A 991 36.74 4.45 14.36
C GLU A 991 35.53 4.34 13.41
N LYS A 992 35.77 3.87 12.18
CA LYS A 992 34.76 3.82 11.09
C LYS A 992 33.75 2.71 11.37
N PHE A 993 34.15 1.59 11.97
CA PHE A 993 33.26 0.42 12.20
C PHE A 993 32.30 0.71 13.36
N GLU A 994 32.76 1.35 14.43
CA GLU A 994 31.90 1.74 15.58
C GLU A 994 30.95 2.89 15.21
N ARG A 995 31.36 3.82 14.33
CA ARG A 995 30.44 4.83 13.73
C ARG A 995 29.28 4.10 13.05
N PHE A 996 29.60 3.11 12.19
CA PHE A 996 28.61 2.28 11.46
C PHE A 996 27.67 1.57 12.45
N ARG A 997 28.25 0.99 13.51
CA ARG A 997 27.50 0.36 14.63
C ARG A 997 26.59 1.42 15.27
N GLY A 998 27.10 2.64 15.45
CA GLY A 998 26.31 3.77 15.97
C GLY A 998 25.06 3.97 15.13
N TYR A 999 25.23 4.04 13.80
CA TYR A 999 24.16 4.24 12.79
C TYR A 999 23.09 3.14 12.91
N CYS A 1000 23.51 1.88 12.98
CA CYS A 1000 22.64 0.67 13.13
C CYS A 1000 21.77 0.76 14.39
N GLU A 1001 22.37 1.19 15.50
CA GLU A 1001 21.65 1.32 16.80
C GLU A 1001 20.66 2.48 16.73
N ARG A 1002 21.06 3.59 16.10
CA ARG A 1002 20.25 4.83 15.99
C ARG A 1002 18.99 4.52 15.16
N ALA A 1003 19.13 3.81 14.04
CA ALA A 1003 18.04 3.36 13.14
C ALA A 1003 17.12 2.41 13.89
N TYR A 1004 17.71 1.47 14.63
CA TYR A 1004 16.97 0.42 15.38
C TYR A 1004 16.08 1.09 16.45
N THR A 1005 16.67 2.02 17.21
CA THR A 1005 15.97 2.67 18.34
C THR A 1005 14.83 3.54 17.78
N ILE A 1006 15.01 4.20 16.63
CA ILE A 1006 13.96 5.03 15.97
C ILE A 1006 12.78 4.12 15.59
N LEU A 1007 13.05 2.98 14.96
CA LEU A 1007 12.02 1.99 14.52
C LEU A 1007 11.23 1.48 15.73
N ARG A 1008 11.90 1.13 16.83
CA ARG A 1008 11.26 0.70 18.10
C ARG A 1008 10.24 1.74 18.57
N ARG A 1009 10.61 3.02 18.54
CA ARG A 1009 9.76 4.16 18.99
C ARG A 1009 8.50 4.27 18.12
N HIS A 1010 8.51 3.69 16.91
CA HIS A 1010 7.36 3.62 15.96
C HIS A 1010 6.88 2.18 15.82
N GLY A 1011 7.20 1.31 16.78
CA GLY A 1011 6.88 -0.13 16.76
C GLY A 1011 5.40 -0.41 16.51
N LEU A 1012 4.51 0.30 17.20
CA LEU A 1012 3.04 0.08 17.14
C LEU A 1012 2.55 0.43 15.73
N LEU A 1013 3.18 1.39 15.05
CA LEU A 1013 2.81 1.75 13.66
C LEU A 1013 3.03 0.54 12.75
N PHE A 1014 4.16 -0.15 12.90
CA PHE A 1014 4.52 -1.34 12.08
C PHE A 1014 3.54 -2.48 12.35
N LEU A 1015 3.30 -2.78 13.62
CA LEU A 1015 2.30 -3.79 14.10
C LEU A 1015 0.91 -3.49 13.53
N HIS A 1016 0.42 -2.26 13.71
CA HIS A 1016 -0.93 -1.84 13.24
C HIS A 1016 -1.07 -2.04 11.73
N LEU A 1017 -0.08 -1.58 10.95
CA LEU A 1017 -0.02 -1.71 9.47
C LEU A 1017 0.02 -3.18 9.05
N PHE A 1018 0.89 -3.99 9.67
CA PHE A 1018 1.02 -5.44 9.39
C PHE A 1018 -0.31 -6.15 9.75
N ALA A 1019 -1.00 -5.70 10.80
CA ALA A 1019 -2.29 -6.26 11.26
C ALA A 1019 -3.35 -6.06 10.18
N LEU A 1020 -3.44 -4.86 9.61
CA LEU A 1020 -4.35 -4.53 8.47
C LEU A 1020 -3.98 -5.37 7.23
N MET A 1021 -2.69 -5.71 7.04
CA MET A 1021 -2.20 -6.44 5.83
C MET A 1021 -2.64 -7.91 5.86
N ARG A 1022 -3.11 -8.42 7.00
CA ARG A 1022 -3.65 -9.79 7.15
C ARG A 1022 -4.95 -9.95 6.35
N ALA A 1023 -5.48 -8.85 5.80
CA ALA A 1023 -6.62 -8.82 4.85
C ALA A 1023 -6.17 -9.32 3.47
N ALA A 1024 -4.88 -9.18 3.15
CA ALA A 1024 -4.32 -9.27 1.79
C ALA A 1024 -4.20 -10.73 1.34
N GLY A 1025 -4.09 -11.67 2.29
CA GLY A 1025 -3.88 -13.10 2.01
C GLY A 1025 -2.52 -13.32 1.38
N LEU A 1026 -1.46 -12.95 2.11
CA LEU A 1026 -0.04 -13.25 1.79
C LEU A 1026 0.33 -14.53 2.52
N PRO A 1027 0.78 -15.60 1.81
CA PRO A 1027 1.22 -16.83 2.44
C PRO A 1027 2.06 -16.66 3.72
N GLU A 1028 2.85 -15.59 3.83
CA GLU A 1028 3.80 -15.35 4.95
C GLU A 1028 3.31 -14.21 5.85
N LEU A 1029 2.06 -13.76 5.68
CA LEU A 1029 1.36 -12.87 6.65
C LEU A 1029 -0.06 -13.40 6.84
N SER A 1030 -0.16 -14.51 7.59
CA SER A 1030 -1.35 -15.40 7.71
C SER A 1030 -1.89 -15.39 9.16
N CYS A 1031 -1.00 -15.53 10.15
CA CYS A 1031 -1.33 -15.75 11.58
C CYS A 1031 -0.46 -14.86 12.48
N SER A 1032 -0.69 -14.92 13.79
CA SER A 1032 -0.09 -14.03 14.83
C SER A 1032 1.43 -14.20 14.91
N LYS A 1033 1.94 -15.43 14.66
CA LYS A 1033 3.38 -15.77 14.68
C LYS A 1033 4.15 -14.88 13.69
N ASP A 1034 3.55 -14.53 12.55
CA ASP A 1034 4.12 -13.54 11.60
C ASP A 1034 4.21 -12.19 12.33
N ILE A 1035 3.11 -11.75 12.96
CA ILE A 1035 3.01 -10.48 13.75
C ILE A 1035 3.91 -10.53 14.99
N GLN A 1036 4.13 -11.73 15.56
CA GLN A 1036 4.97 -11.94 16.77
C GLN A 1036 6.45 -11.72 16.40
N TYR A 1037 6.82 -12.02 15.15
CA TYR A 1037 8.21 -11.87 14.63
C TYR A 1037 8.64 -10.39 14.75
N LEU A 1038 7.74 -9.45 14.46
CA LEU A 1038 8.05 -7.99 14.51
C LEU A 1038 8.22 -7.57 15.97
N LYS A 1039 7.31 -8.00 16.85
CA LYS A 1039 7.35 -7.73 18.32
C LYS A 1039 8.73 -8.08 18.87
N ASP A 1040 9.30 -9.22 18.43
CA ASP A 1040 10.60 -9.76 18.91
C ASP A 1040 11.77 -8.99 18.28
N SER A 1041 11.72 -8.75 16.97
CA SER A 1041 12.80 -8.03 16.22
C SER A 1041 13.00 -6.63 16.81
N LEU A 1042 11.91 -5.97 17.19
CA LEU A 1042 11.90 -4.59 17.75
C LEU A 1042 11.93 -4.60 19.29
N ALA A 1043 11.76 -5.77 19.93
CA ALA A 1043 11.83 -5.97 21.40
C ALA A 1043 10.88 -4.98 22.10
N LEU A 1044 9.59 -5.05 21.79
CA LEU A 1044 8.54 -4.11 22.28
C LEU A 1044 8.47 -4.16 23.81
N GLY A 1045 8.29 -5.35 24.37
CA GLY A 1045 8.15 -5.58 25.83
C GLY A 1045 9.23 -4.84 26.62
N LYS A 1046 10.48 -4.99 26.21
CA LYS A 1046 11.69 -4.49 26.92
C LYS A 1046 11.73 -2.95 26.89
N THR A 1047 12.61 -2.37 27.71
CA THR A 1047 12.92 -0.92 27.71
C THR A 1047 14.00 -0.66 26.64
N GLU A 1048 14.19 0.59 26.24
CA GLU A 1048 15.18 0.99 25.20
C GLU A 1048 16.53 0.37 25.53
N GLU A 1049 16.96 0.39 26.80
CA GLU A 1049 18.31 -0.04 27.25
C GLU A 1049 18.41 -1.57 27.18
N GLU A 1050 17.35 -2.28 27.55
CA GLU A 1050 17.28 -3.76 27.46
C GLU A 1050 17.35 -4.18 26.00
N ALA A 1051 16.48 -3.60 25.16
CA ALA A 1051 16.43 -3.83 23.70
C ALA A 1051 17.81 -3.59 23.09
N LEU A 1052 18.35 -2.38 23.30
CA LEU A 1052 19.63 -1.89 22.71
C LEU A 1052 20.79 -2.83 23.08
N LYS A 1053 20.76 -3.40 24.30
CA LYS A 1053 21.80 -4.34 24.80
C LYS A 1053 21.62 -5.70 24.10
N HIS A 1054 20.37 -6.12 23.88
CA HIS A 1054 20.01 -7.37 23.15
C HIS A 1054 20.26 -7.21 21.65
N PHE A 1055 20.29 -5.97 21.13
CA PHE A 1055 20.66 -5.66 19.72
C PHE A 1055 22.18 -5.78 19.54
N ARG A 1056 22.93 -5.26 20.51
CA ARG A 1056 24.41 -5.38 20.62
C ARG A 1056 24.87 -6.84 20.73
N VAL A 1057 24.05 -7.70 21.37
CA VAL A 1057 24.29 -9.17 21.45
C VAL A 1057 24.20 -9.75 20.03
N LYS A 1058 23.16 -9.38 19.28
CA LYS A 1058 22.90 -9.90 17.90
C LYS A 1058 23.93 -9.31 16.93
N PHE A 1059 24.34 -8.05 17.13
CA PHE A 1059 25.31 -7.33 16.26
C PHE A 1059 26.71 -7.94 16.43
N ASN A 1060 27.17 -8.12 17.68
CA ASN A 1060 28.48 -8.75 18.00
C ASN A 1060 28.46 -10.21 17.54
N GLU A 1061 27.36 -10.94 17.76
CA GLU A 1061 27.18 -12.30 17.17
C GLU A 1061 27.47 -12.23 15.65
N ALA A 1062 26.91 -11.25 14.96
CA ALA A 1062 26.98 -11.11 13.48
C ALA A 1062 28.42 -10.79 13.03
N LEU A 1063 29.19 -10.10 13.88
CA LEU A 1063 30.60 -9.71 13.62
C LEU A 1063 31.50 -10.96 13.57
N ARG A 1064 31.37 -11.85 14.55
CA ARG A 1064 32.16 -13.12 14.63
C ARG A 1064 31.89 -13.94 13.37
N GLU A 1065 30.62 -14.04 12.98
CA GLU A 1065 30.10 -14.87 11.86
C GLU A 1065 30.60 -14.33 10.51
N SER A 1066 30.96 -13.05 10.44
CA SER A 1066 31.57 -12.39 9.25
C SER A 1066 32.96 -13.00 8.99
N TRP A 1067 32.99 -14.25 8.49
CA TRP A 1067 34.16 -15.17 8.46
C TRP A 1067 34.47 -15.66 9.89
#